data_9CJM
#
_entry.id   9CJM
#
_cell.length_a   72.998
_cell.length_b   101.494
_cell.length_c   273.681
_cell.angle_alpha   90.00
_cell.angle_beta   90.00
_cell.angle_gamma   90.00
#
_symmetry.space_group_name_H-M   'C 2 2 21'
#
loop_
_entity.id
_entity.type
_entity.pdbx_description
1 polymer 'Red fluorescent protein mRuby3'
2 non-polymer 1,2-ETHANEDIOL
3 water water
#
_entity_poly.entity_id   1
_entity_poly.type   'polypeptide(L)'
_entity_poly.pdbx_seq_one_letter_code
;MVSKGEELIKENMRMKVVMEGSVNGHQFKCTGEGEGRPYEGVQTMRIKVIEGGPLPFAFDILATSF(NRQ)SRTFIKYPA
DIPDFFKQSFPEGFTWERVTRYEDGGVVTVTQDTSLEDGELVYNVKVRGVNFPSNGPVMQKKTKGWEPNTEMMYPADGGL
RGYTDIALKVDGGGHLHCNFVTTYRSKKTVGNIKMPGVHAVDHRLERIEESDNETYVVQREVAVAKYSNLGGGMDELYK
;
_entity_poly.pdbx_strand_id   A,B,C,D
#
loop_
_chem_comp.id
_chem_comp.type
_chem_comp.name
_chem_comp.formula
EDO non-polymer 1,2-ETHANEDIOL 'C2 H6 O2'
#
# COMPACT_ATOMS: atom_id res chain seq x y z
N GLY A 5 -7.79 -27.49 -8.36
CA GLY A 5 -9.06 -26.76 -7.96
C GLY A 5 -8.85 -25.57 -7.04
N GLU A 6 -7.60 -25.10 -6.89
CA GLU A 6 -7.29 -23.85 -6.16
C GLU A 6 -7.10 -22.74 -7.19
N GLU A 7 -7.19 -23.05 -8.48
CA GLU A 7 -7.13 -22.01 -9.53
C GLU A 7 -8.54 -21.49 -9.81
N LEU A 8 -9.54 -21.95 -9.04
CA LEU A 8 -10.91 -21.37 -9.07
C LEU A 8 -10.96 -20.13 -8.17
N ILE A 9 -10.09 -20.07 -7.17
CA ILE A 9 -10.00 -18.94 -6.22
C ILE A 9 -8.96 -17.97 -6.77
N LYS A 10 -9.42 -16.85 -7.32
CA LYS A 10 -8.54 -15.87 -7.98
C LYS A 10 -8.01 -14.88 -6.94
N GLU A 11 -7.02 -14.09 -7.37
CA GLU A 11 -6.39 -12.95 -6.66
C GLU A 11 -7.46 -12.07 -5.99
N ASN A 12 -8.57 -11.90 -6.69
CA ASN A 12 -9.72 -11.07 -6.29
C ASN A 12 -10.97 -11.91 -6.41
N MET A 13 -11.77 -11.89 -5.35
CA MET A 13 -13.03 -12.65 -5.32
C MET A 13 -14.09 -11.75 -4.70
N ARG A 14 -15.31 -11.85 -5.22
CA ARG A 14 -16.49 -11.19 -4.64
C ARG A 14 -17.34 -12.25 -3.94
N MET A 15 -18.14 -11.82 -2.97
CA MET A 15 -19.01 -12.72 -2.19
C MET A 15 -20.39 -12.11 -2.00
N LYS A 16 -21.37 -12.96 -1.77
CA LYS A 16 -22.75 -12.61 -1.37
C LYS A 16 -23.08 -13.42 -0.11
N VAL A 17 -23.74 -12.81 0.87
CA VAL A 17 -24.24 -13.52 2.07
C VAL A 17 -25.71 -13.19 2.29
N VAL A 18 -26.50 -14.21 2.62
CA VAL A 18 -27.89 -14.08 3.14
C VAL A 18 -27.90 -14.75 4.51
N MET A 19 -28.36 -14.02 5.50
CA MET A 19 -28.32 -14.44 6.93
C MET A 19 -29.71 -14.29 7.51
N GLU A 20 -30.21 -15.39 8.06
CA GLU A 20 -31.52 -15.43 8.72
C GLU A 20 -31.32 -15.98 10.11
N GLY A 21 -32.10 -15.49 11.05
CA GLY A 21 -32.05 -16.07 12.38
C GLY A 21 -32.85 -15.32 13.39
N SER A 22 -32.62 -15.68 14.64
CA SER A 22 -33.25 -15.08 15.82
C SER A 22 -32.20 -14.97 16.91
N VAL A 23 -32.23 -13.87 17.64
CA VAL A 23 -31.51 -13.77 18.92
C VAL A 23 -32.51 -13.36 19.99
N ASN A 24 -32.62 -14.19 21.02
CA ASN A 24 -33.64 -14.04 22.10
C ASN A 24 -35.02 -13.93 21.47
N GLY A 25 -35.21 -14.66 20.36
CA GLY A 25 -36.51 -14.76 19.69
C GLY A 25 -36.82 -13.57 18.80
N HIS A 26 -35.94 -12.59 18.72
CA HIS A 26 -36.09 -11.49 17.76
C HIS A 26 -35.55 -11.90 16.40
N GLN A 27 -36.40 -11.83 15.38
CA GLN A 27 -36.11 -12.39 14.05
C GLN A 27 -35.62 -11.29 13.12
N PHE A 28 -34.71 -11.67 12.24
CA PHE A 28 -34.05 -10.74 11.31
C PHE A 28 -33.55 -11.50 10.10
N LYS A 29 -33.30 -10.72 9.06
CA LYS A 29 -32.68 -11.17 7.80
C LYS A 29 -31.65 -10.10 7.42
N CYS A 30 -30.45 -10.54 7.10
CA CYS A 30 -29.36 -9.67 6.61
C CYS A 30 -28.87 -10.17 5.26
N THR A 31 -28.40 -9.24 4.45
CA THR A 31 -27.71 -9.53 3.18
C THR A 31 -26.39 -8.76 3.19
N GLY A 32 -25.43 -9.30 2.47
CA GLY A 32 -24.09 -8.73 2.42
C GLY A 32 -23.48 -8.98 1.07
N GLU A 33 -22.62 -8.07 0.70
CA GLU A 33 -21.79 -8.14 -0.50
C GLU A 33 -20.42 -7.63 -0.10
N GLY A 34 -19.38 -8.33 -0.52
CA GLY A 34 -18.01 -7.87 -0.28
C GLY A 34 -17.04 -8.45 -1.28
N GLU A 35 -15.77 -8.13 -1.06
CA GLU A 35 -14.67 -8.69 -1.85
C GLU A 35 -13.44 -8.80 -0.95
N GLY A 36 -12.52 -9.64 -1.37
CA GLY A 36 -11.19 -9.72 -0.73
C GLY A 36 -10.15 -10.25 -1.69
N ARG A 37 -8.91 -10.28 -1.20
CA ARG A 37 -7.79 -10.97 -1.87
C ARG A 37 -7.44 -12.18 -1.00
N PRO A 38 -7.96 -13.37 -1.38
CA PRO A 38 -7.92 -14.55 -0.51
C PRO A 38 -6.51 -15.07 -0.18
N TYR A 39 -5.51 -14.67 -0.97
CA TYR A 39 -4.11 -15.09 -0.78
C TYR A 39 -3.42 -14.12 0.18
N GLU A 40 -4.01 -12.94 0.36
CA GLU A 40 -3.44 -11.89 1.24
C GLU A 40 -4.20 -11.90 2.57
N GLY A 41 -5.27 -12.69 2.65
CA GLY A 41 -6.03 -12.92 3.90
C GLY A 41 -6.86 -11.73 4.31
N VAL A 42 -7.24 -10.88 3.36
CA VAL A 42 -7.93 -9.60 3.66
C VAL A 42 -9.23 -9.60 2.88
N GLN A 43 -10.29 -9.16 3.55
CA GLN A 43 -11.63 -9.09 2.94
C GLN A 43 -12.46 -8.05 3.69
N THR A 44 -13.46 -7.54 2.99
CA THR A 44 -14.37 -6.49 3.48
C THR A 44 -15.76 -6.91 3.06
N MET A 45 -16.75 -6.65 3.91
CA MET A 45 -18.14 -6.89 3.51
C MET A 45 -19.05 -5.76 3.95
N ARG A 46 -19.99 -5.41 3.09
CA ARG A 46 -21.04 -4.41 3.34
C ARG A 46 -22.32 -5.19 3.64
N ILE A 47 -22.85 -5.00 4.85
CA ILE A 47 -23.98 -5.81 5.36
C ILE A 47 -25.16 -4.86 5.60
N LYS A 48 -26.32 -5.23 5.08
CA LYS A 48 -27.62 -4.55 5.32
C LYS A 48 -28.48 -5.46 6.21
N VAL A 49 -29.05 -4.90 7.27
CA VAL A 49 -30.20 -5.57 7.95
C VAL A 49 -31.44 -5.21 7.14
N ILE A 50 -32.11 -6.19 6.56
CA ILE A 50 -33.23 -5.88 5.63
C ILE A 50 -34.57 -6.25 6.26
N GLU A 51 -34.58 -7.12 7.26
CA GLU A 51 -35.79 -7.47 8.03
C GLU A 51 -35.44 -7.55 9.50
N GLY A 52 -36.29 -7.01 10.36
CA GLY A 52 -36.16 -7.12 11.82
C GLY A 52 -35.34 -6.01 12.42
N GLY A 53 -34.98 -4.99 11.62
CA GLY A 53 -34.14 -3.89 12.10
C GLY A 53 -34.99 -2.76 12.68
N PRO A 54 -34.39 -1.81 13.43
CA PRO A 54 -33.06 -1.98 14.02
C PRO A 54 -33.02 -3.07 15.09
N LEU A 55 -31.95 -3.88 15.11
CA LEU A 55 -31.81 -5.06 16.01
C LEU A 55 -31.79 -4.60 17.46
N PRO A 56 -32.50 -5.31 18.38
CA PRO A 56 -32.46 -5.02 19.81
C PRO A 56 -31.11 -5.22 20.51
N PHE A 57 -30.21 -5.98 19.87
CA PHE A 57 -28.97 -6.54 20.47
C PHE A 57 -27.76 -6.04 19.69
N ALA A 58 -26.56 -6.22 20.26
CA ALA A 58 -25.28 -5.80 19.66
C ALA A 58 -25.04 -6.57 18.36
N PHE A 59 -24.82 -5.88 17.24
CA PHE A 59 -24.60 -6.55 15.94
C PHE A 59 -23.34 -7.42 16.04
N ASP A 60 -22.47 -7.11 17.01
CA ASP A 60 -21.16 -7.78 17.24
C ASP A 60 -21.33 -9.29 17.29
N ILE A 61 -22.45 -9.77 17.80
CA ILE A 61 -22.61 -11.24 18.01
C ILE A 61 -22.90 -11.91 16.67
N LEU A 62 -23.23 -11.16 15.63
CA LEU A 62 -23.43 -11.72 14.27
C LEU A 62 -22.14 -11.60 13.43
N ALA A 63 -21.25 -10.70 13.84
CA ALA A 63 -20.11 -10.22 13.04
C ALA A 63 -19.28 -11.40 12.54
N THR A 64 -19.08 -12.40 13.39
CA THR A 64 -18.20 -13.57 13.16
C THR A 64 -18.88 -14.64 12.30
N SER A 65 -20.15 -14.46 11.93
CA SER A 65 -20.93 -15.47 11.18
C SER A 65 -20.92 -15.13 9.68
N PHE A 66 -20.57 -13.90 9.33
CA PHE A 66 -20.65 -13.37 7.95
C PHE A 66 -19.45 -13.84 7.12
N1 NRQ A 67 -18.07 -14.04 7.40
CE NRQ A 67 -16.51 -10.09 5.69
SD NRQ A 67 -15.97 -10.10 7.35
CG1 NRQ A 67 -15.84 -11.82 7.75
CB1 NRQ A 67 -17.04 -12.22 8.59
CA1 NRQ A 67 -17.30 -13.69 8.35
C1 NRQ A 67 -16.62 -14.61 9.31
N2 NRQ A 67 -15.81 -14.08 10.27
OH NRQ A 67 -12.33 -18.64 15.56
CD2 NRQ A 67 -13.07 -15.48 13.87
CE2 NRQ A 67 -12.52 -16.41 14.74
CZ NRQ A 67 -12.86 -17.75 14.69
CE1 NRQ A 67 -13.78 -18.20 13.74
CD1 NRQ A 67 -14.32 -17.26 12.87
CG2 NRQ A 67 -13.97 -15.91 12.90
CB2 NRQ A 67 -14.52 -14.90 11.97
CA2 NRQ A 67 -15.35 -15.13 10.94
C2 NRQ A 67 -15.93 -16.33 10.35
O2 NRQ A 67 -15.78 -17.56 10.67
N3 NRQ A 67 -16.69 -15.97 9.35
CA3 NRQ A 67 -17.43 -16.97 8.52
C3 NRQ A 67 -16.98 -17.08 7.07
O3 NRQ A 67 -17.54 -17.93 6.34
N SER A 68 -15.82 -16.29 6.90
CA SER A 68 -15.58 -16.43 5.44
C SER A 68 -14.16 -16.96 5.25
N ARG A 69 -14.08 -18.28 5.09
CA ARG A 69 -12.87 -19.07 5.40
C ARG A 69 -12.00 -19.20 4.16
N THR A 70 -12.53 -18.85 2.98
CA THR A 70 -11.77 -18.88 1.72
C THR A 70 -10.70 -17.78 1.75
N PHE A 71 -10.91 -16.73 2.53
CA PHE A 71 -9.99 -15.56 2.59
C PHE A 71 -9.09 -15.67 3.82
N ILE A 72 -8.38 -16.79 3.94
CA ILE A 72 -7.32 -16.97 4.95
C ILE A 72 -6.01 -17.09 4.20
N LYS A 73 -5.02 -16.28 4.58
CA LYS A 73 -3.64 -16.38 4.05
C LYS A 73 -2.99 -17.62 4.67
N TYR A 74 -2.66 -18.58 3.84
CA TYR A 74 -1.94 -19.82 4.23
C TYR A 74 -0.56 -19.74 3.58
N PRO A 75 0.52 -20.19 4.23
CA PRO A 75 1.82 -20.26 3.55
C PRO A 75 1.84 -21.54 2.70
N ALA A 76 2.86 -21.72 1.85
CA ALA A 76 3.01 -22.94 1.02
C ALA A 76 3.11 -24.17 1.93
N ASP A 77 3.61 -23.96 3.15
CA ASP A 77 4.04 -24.99 4.14
C ASP A 77 2.81 -25.66 4.76
N ILE A 78 1.66 -24.98 4.80
CA ILE A 78 0.38 -25.48 5.39
C ILE A 78 -0.68 -25.57 4.30
N PRO A 79 -1.29 -26.75 4.05
CA PRO A 79 -2.42 -26.90 3.12
C PRO A 79 -3.72 -26.14 3.44
N ASP A 80 -4.31 -25.49 2.43
CA ASP A 80 -5.56 -24.71 2.61
C ASP A 80 -6.76 -25.62 2.40
N PHE A 81 -7.36 -26.10 3.49
CA PHE A 81 -8.56 -26.99 3.45
C PHE A 81 -9.68 -26.34 2.65
N PHE A 82 -9.85 -25.04 2.86
CA PHE A 82 -11.00 -24.25 2.38
C PHE A 82 -10.90 -24.05 0.87
N LYS A 83 -9.76 -23.62 0.36
CA LYS A 83 -9.61 -23.30 -1.09
C LYS A 83 -9.64 -24.61 -1.89
N GLN A 84 -9.10 -25.69 -1.34
CA GLN A 84 -9.07 -27.01 -2.00
C GLN A 84 -10.49 -27.58 -2.13
N SER A 85 -11.48 -27.05 -1.43
CA SER A 85 -12.84 -27.65 -1.38
C SER A 85 -13.65 -27.28 -2.61
N PHE A 86 -13.20 -26.31 -3.40
CA PHE A 86 -13.98 -25.81 -4.56
C PHE A 86 -13.75 -26.75 -5.73
N PRO A 87 -14.70 -26.88 -6.69
CA PRO A 87 -15.89 -26.01 -6.78
C PRO A 87 -17.12 -26.29 -5.90
N GLU A 88 -17.13 -27.37 -5.14
CA GLU A 88 -18.35 -27.76 -4.40
C GLU A 88 -18.45 -26.93 -3.12
N GLY A 89 -17.32 -26.56 -2.51
CA GLY A 89 -17.29 -25.70 -1.33
C GLY A 89 -17.36 -26.50 -0.03
N PHE A 90 -17.75 -25.85 1.04
CA PHE A 90 -17.76 -26.46 2.38
C PHE A 90 -18.89 -25.86 3.22
N THR A 91 -19.14 -26.50 4.34
CA THR A 91 -20.10 -26.07 5.38
C THR A 91 -19.32 -25.81 6.65
N TRP A 92 -19.88 -25.01 7.54
CA TRP A 92 -19.42 -25.01 8.94
C TRP A 92 -20.62 -24.89 9.88
N GLU A 93 -20.49 -25.51 11.04
CA GLU A 93 -21.44 -25.50 12.17
C GLU A 93 -20.70 -24.91 13.36
N ARG A 94 -21.31 -24.00 14.10
CA ARG A 94 -20.63 -23.37 15.24
C ARG A 94 -21.58 -23.32 16.42
N VAL A 95 -21.07 -23.56 17.63
CA VAL A 95 -21.80 -23.15 18.87
C VAL A 95 -20.88 -22.24 19.65
N THR A 96 -21.41 -21.09 20.05
CA THR A 96 -20.70 -20.07 20.84
C THR A 96 -21.35 -20.02 22.21
N ARG A 97 -20.56 -19.95 23.26
CA ARG A 97 -21.10 -19.87 24.63
C ARG A 97 -20.50 -18.64 25.28
N TYR A 98 -21.34 -17.77 25.81
CA TYR A 98 -20.92 -16.59 26.57
C TYR A 98 -20.92 -16.92 28.05
N GLU A 99 -20.00 -16.32 28.81
CA GLU A 99 -19.81 -16.59 30.27
C GLU A 99 -21.06 -16.19 31.05
N ASP A 100 -21.87 -15.24 30.56
CA ASP A 100 -23.03 -14.72 31.32
C ASP A 100 -24.30 -15.41 30.84
N GLY A 101 -24.21 -16.42 29.96
CA GLY A 101 -25.33 -17.34 29.72
C GLY A 101 -25.70 -17.46 28.25
N GLY A 102 -25.37 -16.48 27.43
CA GLY A 102 -25.80 -16.48 26.03
C GLY A 102 -25.22 -17.62 25.24
N VAL A 103 -26.02 -18.18 24.33
CA VAL A 103 -25.60 -19.30 23.44
C VAL A 103 -26.03 -18.94 22.02
N VAL A 104 -25.11 -19.04 21.07
CA VAL A 104 -25.42 -18.82 19.64
C VAL A 104 -25.00 -20.07 18.87
N THR A 105 -25.91 -20.63 18.07
CA THR A 105 -25.57 -21.76 17.18
C THR A 105 -25.74 -21.26 15.75
N VAL A 106 -24.85 -21.67 14.85
CA VAL A 106 -24.77 -21.13 13.48
C VAL A 106 -24.47 -22.30 12.55
N THR A 107 -25.15 -22.34 11.40
CA THR A 107 -24.76 -23.20 10.26
C THR A 107 -24.51 -22.30 9.06
N GLN A 108 -23.45 -22.59 8.31
CA GLN A 108 -23.06 -21.85 7.10
C GLN A 108 -22.85 -22.87 5.97
N ASP A 109 -23.44 -22.54 4.82
CA ASP A 109 -23.25 -23.22 3.52
C ASP A 109 -22.43 -22.28 2.64
N THR A 110 -21.27 -22.74 2.19
CA THR A 110 -20.40 -21.98 1.27
C THR A 110 -20.40 -22.69 -0.07
N SER A 111 -20.82 -21.96 -1.09
CA SER A 111 -20.87 -22.43 -2.48
C SER A 111 -20.16 -21.42 -3.38
N LEU A 112 -19.83 -21.87 -4.58
CA LEU A 112 -19.24 -21.05 -5.64
C LEU A 112 -20.17 -21.19 -6.83
N GLU A 113 -20.72 -20.07 -7.29
CA GLU A 113 -21.65 -20.04 -8.43
C GLU A 113 -21.21 -18.92 -9.36
N ASP A 114 -20.59 -19.29 -10.48
CA ASP A 114 -20.11 -18.35 -11.53
C ASP A 114 -19.06 -17.40 -10.94
N GLY A 115 -18.13 -17.94 -10.16
CA GLY A 115 -16.92 -17.23 -9.72
C GLY A 115 -17.21 -16.17 -8.66
N GLU A 116 -18.40 -16.23 -8.07
CA GLU A 116 -18.77 -15.49 -6.85
C GLU A 116 -18.96 -16.50 -5.72
N LEU A 117 -18.43 -16.20 -4.55
CA LEU A 117 -18.71 -17.02 -3.35
C LEU A 117 -20.12 -16.69 -2.87
N VAL A 118 -20.90 -17.73 -2.58
CA VAL A 118 -22.28 -17.59 -2.03
C VAL A 118 -22.34 -18.23 -0.64
N TYR A 119 -22.75 -17.45 0.36
CA TYR A 119 -22.93 -17.91 1.76
C TYR A 119 -24.41 -17.84 2.16
N ASN A 120 -24.88 -18.93 2.75
CA ASN A 120 -26.17 -19.00 3.44
C ASN A 120 -25.94 -19.36 4.90
N VAL A 121 -26.35 -18.45 5.78
CA VAL A 121 -26.09 -18.51 7.23
C VAL A 121 -27.42 -18.50 7.96
N LYS A 122 -27.56 -19.40 8.92
CA LYS A 122 -28.74 -19.53 9.79
C LYS A 122 -28.24 -19.41 11.23
N VAL A 123 -28.85 -18.51 11.98
CA VAL A 123 -28.39 -18.16 13.35
C VAL A 123 -29.55 -18.48 14.31
N ARG A 124 -29.21 -18.93 15.51
CA ARG A 124 -30.17 -18.86 16.65
C ARG A 124 -29.36 -18.53 17.89
N GLY A 125 -29.66 -17.37 18.48
CA GLY A 125 -29.18 -16.99 19.82
C GLY A 125 -30.29 -17.09 20.84
N VAL A 126 -29.95 -17.59 22.03
CA VAL A 126 -30.90 -17.84 23.13
C VAL A 126 -30.22 -17.50 24.46
N ASN A 127 -31.01 -17.18 25.48
CA ASN A 127 -30.56 -17.10 26.90
C ASN A 127 -29.57 -15.96 27.15
N PHE A 128 -29.58 -14.90 26.35
CA PHE A 128 -28.75 -13.73 26.70
C PHE A 128 -29.43 -13.00 27.84
N PRO A 129 -28.74 -12.68 28.94
CA PRO A 129 -29.34 -11.92 30.03
C PRO A 129 -29.74 -10.53 29.55
N SER A 130 -30.95 -10.12 29.93
CA SER A 130 -31.65 -8.95 29.36
C SER A 130 -30.86 -7.67 29.65
N ASN A 131 -30.30 -7.58 30.85
CA ASN A 131 -29.62 -6.39 31.39
C ASN A 131 -28.10 -6.54 31.21
N GLY A 132 -27.65 -7.62 30.57
CA GLY A 132 -26.24 -7.79 30.18
C GLY A 132 -25.85 -6.93 28.97
N PRO A 133 -24.53 -6.72 28.71
CA PRO A 133 -24.09 -5.84 27.63
C PRO A 133 -24.55 -6.14 26.19
N VAL A 134 -24.85 -7.39 25.85
CA VAL A 134 -25.25 -7.75 24.46
C VAL A 134 -26.66 -7.22 24.16
N MET A 135 -27.63 -7.56 25.02
CA MET A 135 -29.04 -7.12 24.86
C MET A 135 -29.14 -5.61 25.04
N GLN A 136 -28.19 -5.02 25.78
CA GLN A 136 -28.17 -3.57 26.11
C GLN A 136 -27.36 -2.81 25.05
N LYS A 137 -26.85 -3.51 24.04
CA LYS A 137 -26.07 -2.96 22.90
C LYS A 137 -24.91 -2.11 23.45
N LYS A 138 -24.13 -2.68 24.36
CA LYS A 138 -23.02 -1.98 25.04
C LYS A 138 -21.70 -2.68 24.74
N THR A 139 -21.49 -3.09 23.50
CA THR A 139 -20.25 -3.78 23.07
C THR A 139 -19.50 -2.87 22.10
N LYS A 140 -18.19 -3.05 22.03
CA LYS A 140 -17.28 -2.20 21.23
C LYS A 140 -16.43 -3.08 20.31
N GLY A 141 -16.96 -4.24 19.91
CA GLY A 141 -16.30 -5.16 18.97
C GLY A 141 -15.40 -6.17 19.64
N TRP A 142 -14.70 -6.97 18.85
CA TRP A 142 -13.93 -8.15 19.30
C TRP A 142 -12.45 -7.80 19.45
N GLU A 143 -11.80 -8.36 20.47
CA GLU A 143 -10.33 -8.38 20.57
C GLU A 143 -9.79 -9.36 19.52
N PRO A 144 -8.63 -9.09 18.89
CA PRO A 144 -8.00 -10.07 18.00
C PRO A 144 -7.94 -11.41 18.72
N ASN A 145 -8.11 -12.48 17.96
CA ASN A 145 -8.20 -13.84 18.53
C ASN A 145 -7.49 -14.81 17.61
N THR A 146 -7.13 -15.95 18.17
CA THR A 146 -6.40 -17.03 17.47
C THR A 146 -7.24 -18.28 17.60
N GLU A 147 -7.56 -18.89 16.47
CA GLU A 147 -8.38 -20.10 16.37
C GLU A 147 -7.43 -21.28 16.14
N MET A 148 -7.58 -22.35 16.90
CA MET A 148 -6.75 -23.55 16.77
C MET A 148 -7.52 -24.55 15.91
N MET A 149 -6.87 -25.10 14.91
CA MET A 149 -7.52 -25.98 13.91
C MET A 149 -6.94 -27.38 14.03
N TYR A 150 -7.80 -28.38 14.26
CA TYR A 150 -7.41 -29.79 14.40
C TYR A 150 -8.07 -30.61 13.29
N PRO A 151 -7.28 -31.42 12.56
CA PRO A 151 -7.85 -32.38 11.61
C PRO A 151 -8.77 -33.37 12.33
N ALA A 152 -9.84 -33.74 11.63
CA ALA A 152 -10.93 -34.57 12.17
C ALA A 152 -11.75 -35.11 11.00
N ASP A 153 -11.59 -36.40 10.71
CA ASP A 153 -12.49 -37.21 9.85
C ASP A 153 -12.68 -36.57 8.46
N GLY A 154 -11.61 -36.12 7.79
CA GLY A 154 -11.74 -35.46 6.49
C GLY A 154 -12.29 -34.05 6.63
N GLY A 155 -12.40 -33.55 7.87
CA GLY A 155 -12.73 -32.13 8.11
C GLY A 155 -11.85 -31.51 9.17
N LEU A 156 -12.19 -30.28 9.58
CA LEU A 156 -11.42 -29.53 10.60
C LEU A 156 -12.33 -29.19 11.76
N ARG A 157 -11.76 -29.15 12.95
CA ARG A 157 -12.42 -28.53 14.11
C ARG A 157 -11.58 -27.32 14.53
N GLY A 158 -12.28 -26.21 14.75
CA GLY A 158 -11.66 -24.97 15.23
C GLY A 158 -12.08 -24.72 16.65
N TYR A 159 -11.18 -24.19 17.46
CA TYR A 159 -11.47 -23.82 18.84
C TYR A 159 -10.95 -22.39 19.07
N THR A 160 -11.80 -21.56 19.68
CA THR A 160 -11.50 -20.15 19.95
C THR A 160 -11.91 -19.77 21.35
N ASP A 161 -11.11 -18.93 22.00
CA ASP A 161 -11.57 -18.04 23.07
C ASP A 161 -11.58 -16.62 22.51
N ILE A 162 -12.73 -15.97 22.42
CA ILE A 162 -12.73 -14.54 22.04
C ILE A 162 -13.25 -13.69 23.21
N ALA A 163 -12.74 -12.46 23.27
CA ALA A 163 -13.15 -11.41 24.21
C ALA A 163 -13.85 -10.30 23.44
N LEU A 164 -15.08 -10.01 23.85
CA LEU A 164 -15.94 -8.92 23.34
C LEU A 164 -15.70 -7.72 24.25
N LYS A 165 -15.27 -6.60 23.67
CA LYS A 165 -15.04 -5.33 24.37
C LYS A 165 -16.39 -4.78 24.82
N VAL A 166 -16.47 -4.39 26.09
CA VAL A 166 -17.70 -3.86 26.72
C VAL A 166 -17.51 -2.35 26.92
N ASP A 167 -18.53 -1.57 26.54
CA ASP A 167 -18.72 -0.14 26.89
C ASP A 167 -18.32 0.11 28.35
N GLY A 168 -17.39 1.03 28.58
CA GLY A 168 -16.93 1.43 29.93
C GLY A 168 -15.81 0.54 30.42
N GLY A 169 -15.06 -0.05 29.49
CA GLY A 169 -14.03 -1.05 29.81
C GLY A 169 -14.63 -2.40 30.18
N GLY A 170 -13.78 -3.42 30.23
CA GLY A 170 -14.22 -4.79 30.54
C GLY A 170 -14.28 -5.61 29.27
N HIS A 171 -14.20 -6.93 29.44
CA HIS A 171 -14.32 -7.91 28.35
C HIS A 171 -15.38 -8.94 28.71
N LEU A 172 -16.22 -9.28 27.76
CA LEU A 172 -17.22 -10.36 27.89
C LEU A 172 -16.67 -11.59 27.20
N HIS A 173 -16.45 -12.66 27.97
CA HIS A 173 -15.69 -13.81 27.47
C HIS A 173 -16.61 -14.80 26.81
N CYS A 174 -16.11 -15.41 25.76
CA CYS A 174 -16.95 -16.22 24.86
C CYS A 174 -16.05 -17.27 24.24
N ASN A 175 -16.52 -18.52 24.17
CA ASN A 175 -15.74 -19.62 23.55
C ASN A 175 -16.57 -20.13 22.40
N PHE A 176 -15.96 -20.49 21.28
CA PHE A 176 -16.74 -21.33 20.36
C PHE A 176 -15.90 -22.43 19.73
N VAL A 177 -16.64 -23.44 19.29
CA VAL A 177 -16.13 -24.65 18.61
C VAL A 177 -16.77 -24.63 17.24
N THR A 178 -16.00 -24.88 16.20
CA THR A 178 -16.51 -24.87 14.82
C THR A 178 -16.13 -26.18 14.14
N THR A 179 -17.05 -26.81 13.45
CA THR A 179 -16.74 -27.99 12.62
C THR A 179 -16.84 -27.60 11.15
N TYR A 180 -15.73 -27.69 10.42
CA TYR A 180 -15.64 -27.37 8.98
C TYR A 180 -15.63 -28.69 8.21
N ARG A 181 -16.58 -28.85 7.28
N ARG A 181 -16.59 -28.87 7.29
CA ARG A 181 -16.71 -30.08 6.46
CA ARG A 181 -16.70 -30.10 6.47
C ARG A 181 -16.76 -29.69 4.99
C ARG A 181 -16.80 -29.72 5.00
N SER A 182 -16.04 -30.45 4.18
CA SER A 182 -15.96 -30.24 2.73
C SER A 182 -17.22 -30.82 2.09
N LYS A 183 -17.74 -30.16 1.06
CA LYS A 183 -18.83 -30.73 0.23
C LYS A 183 -18.22 -31.59 -0.87
N LYS A 184 -16.89 -31.55 -1.03
CA LYS A 184 -16.14 -32.33 -2.05
C LYS A 184 -16.14 -33.82 -1.74
N THR A 185 -16.83 -34.59 -2.56
CA THR A 185 -16.88 -36.07 -2.51
C THR A 185 -16.03 -36.63 -3.65
N VAL A 186 -16.32 -36.31 -4.90
CA VAL A 186 -15.45 -36.74 -6.03
C VAL A 186 -14.24 -35.80 -6.06
N GLY A 187 -13.09 -36.26 -5.57
CA GLY A 187 -11.86 -35.44 -5.56
C GLY A 187 -11.18 -35.43 -4.20
N ASN A 188 -9.87 -35.21 -4.20
CA ASN A 188 -9.06 -35.40 -2.97
C ASN A 188 -8.78 -34.03 -2.35
N ILE A 189 -8.59 -34.06 -1.04
CA ILE A 189 -8.11 -32.90 -0.24
C ILE A 189 -6.83 -33.35 0.45
N LYS A 190 -5.75 -32.59 0.26
CA LYS A 190 -4.53 -32.72 1.09
C LYS A 190 -4.81 -32.03 2.42
N MET A 191 -4.69 -32.75 3.53
CA MET A 191 -5.15 -32.32 4.86
C MET A 191 -4.01 -31.63 5.60
N PRO A 192 -4.24 -30.48 6.27
CA PRO A 192 -3.22 -29.88 7.11
C PRO A 192 -3.16 -30.65 8.43
N GLY A 193 -2.06 -30.46 9.16
CA GLY A 193 -1.93 -30.89 10.57
C GLY A 193 -2.54 -29.84 11.47
N VAL A 194 -2.29 -29.92 12.75
CA VAL A 194 -2.71 -28.84 13.68
C VAL A 194 -2.03 -27.54 13.23
N HIS A 195 -2.75 -26.44 13.32
CA HIS A 195 -2.21 -25.08 13.06
C HIS A 195 -3.18 -24.08 13.67
N ALA A 196 -2.78 -22.80 13.66
CA ALA A 196 -3.56 -21.68 14.19
C ALA A 196 -3.88 -20.68 13.09
N VAL A 197 -4.95 -19.92 13.30
CA VAL A 197 -5.34 -18.76 12.47
C VAL A 197 -5.51 -17.57 13.41
N ASP A 198 -4.75 -16.50 13.14
CA ASP A 198 -4.93 -15.18 13.78
C ASP A 198 -6.02 -14.42 13.02
N HIS A 199 -7.03 -13.96 13.74
CA HIS A 199 -8.14 -13.16 13.18
C HIS A 199 -8.13 -11.76 13.77
N ARG A 200 -8.24 -10.77 12.90
N ARG A 200 -8.22 -10.76 12.90
CA ARG A 200 -8.55 -9.38 13.30
CA ARG A 200 -8.57 -9.39 13.33
C ARG A 200 -9.81 -8.97 12.53
C ARG A 200 -9.80 -8.96 12.54
N LEU A 201 -10.90 -8.78 13.25
CA LEU A 201 -12.18 -8.33 12.66
C LEU A 201 -12.46 -6.95 13.23
N GLU A 202 -12.49 -5.93 12.38
CA GLU A 202 -12.56 -4.53 12.83
C GLU A 202 -13.66 -3.82 12.05
N ARG A 203 -14.55 -3.12 12.74
CA ARG A 203 -15.68 -2.39 12.12
C ARG A 203 -15.19 -1.05 11.60
N ILE A 204 -15.39 -0.79 10.31
CA ILE A 204 -14.82 0.41 9.65
C ILE A 204 -15.95 1.38 9.31
N GLU A 205 -17.20 1.00 9.57
CA GLU A 205 -18.41 1.76 9.21
C GLU A 205 -19.62 1.22 9.95
N GLU A 206 -20.48 2.14 10.38
CA GLU A 206 -21.78 1.83 11.03
C GLU A 206 -22.76 2.94 10.68
N SER A 207 -24.04 2.61 10.49
CA SER A 207 -25.04 3.62 10.10
C SER A 207 -26.45 3.18 10.49
N ASP A 208 -27.21 4.12 11.06
CA ASP A 208 -28.67 4.05 11.31
C ASP A 208 -29.02 2.85 12.17
N ASN A 209 -28.63 2.90 13.44
CA ASN A 209 -28.96 1.85 14.45
C ASN A 209 -28.33 0.51 14.02
N GLU A 210 -27.17 0.53 13.36
CA GLU A 210 -26.43 -0.69 12.94
C GLU A 210 -27.22 -1.44 11.87
N THR A 211 -28.07 -0.76 11.10
CA THR A 211 -28.82 -1.42 9.99
C THR A 211 -27.92 -1.52 8.76
N TYR A 212 -26.82 -0.76 8.75
CA TYR A 212 -25.76 -0.86 7.73
C TYR A 212 -24.40 -0.93 8.43
N VAL A 213 -23.65 -1.97 8.10
CA VAL A 213 -22.34 -2.27 8.74
C VAL A 213 -21.36 -2.65 7.64
N VAL A 214 -20.18 -2.06 7.72
CA VAL A 214 -19.00 -2.49 6.94
C VAL A 214 -17.93 -2.96 7.92
N GLN A 215 -17.47 -4.18 7.72
CA GLN A 215 -16.40 -4.74 8.58
C GLN A 215 -15.31 -5.33 7.70
N ARG A 216 -14.09 -5.26 8.23
CA ARG A 216 -12.89 -5.75 7.54
C ARG A 216 -12.23 -6.80 8.43
N GLU A 217 -11.90 -7.96 7.85
CA GLU A 217 -11.24 -9.06 8.55
C GLU A 217 -9.90 -9.35 7.89
N VAL A 218 -8.83 -9.44 8.68
CA VAL A 218 -7.55 -10.03 8.20
C VAL A 218 -7.25 -11.30 8.99
N ALA A 219 -7.12 -12.42 8.27
CA ALA A 219 -6.97 -13.78 8.83
C ALA A 219 -5.76 -14.42 8.21
N VAL A 220 -4.84 -14.88 9.06
CA VAL A 220 -3.56 -15.49 8.62
C VAL A 220 -3.35 -16.80 9.36
N ALA A 221 -3.20 -17.88 8.61
CA ALA A 221 -2.80 -19.21 9.11
C ALA A 221 -1.29 -19.22 9.42
N LYS A 222 -0.93 -19.93 10.48
CA LYS A 222 0.44 -19.98 11.00
C LYS A 222 0.65 -21.35 11.66
N TYR A 223 1.91 -21.67 11.85
CA TYR A 223 2.40 -22.94 12.42
C TYR A 223 2.13 -22.93 13.92
N SER A 224 1.95 -24.10 14.52
CA SER A 224 1.93 -24.22 16.00
C SER A 224 3.07 -25.14 16.48
N GLY B 5 6.66 13.40 24.34
CA GLY B 5 6.64 11.97 24.73
C GLY B 5 6.65 11.04 23.53
N GLU B 6 5.48 10.80 22.94
CA GLU B 6 5.30 9.96 21.74
C GLU B 6 5.30 10.86 20.51
N GLU B 7 5.19 12.17 20.71
CA GLU B 7 5.01 13.13 19.60
C GLU B 7 6.35 13.40 18.92
N LEU B 8 7.42 12.82 19.46
CA LEU B 8 8.77 12.77 18.82
C LEU B 8 8.83 11.64 17.80
N ILE B 9 7.95 10.65 17.94
CA ILE B 9 7.85 9.49 17.03
C ILE B 9 6.82 9.83 15.96
N LYS B 10 7.29 10.15 14.76
CA LYS B 10 6.41 10.62 13.67
C LYS B 10 5.83 9.40 12.93
N GLU B 11 4.86 9.66 12.07
CA GLU B 11 4.20 8.68 11.17
C GLU B 11 5.25 7.94 10.32
N ASN B 12 6.34 8.62 10.01
CA ASN B 12 7.48 8.09 9.25
C ASN B 12 8.76 8.28 10.07
N MET B 13 9.53 7.21 10.22
CA MET B 13 10.77 7.24 11.02
C MET B 13 11.84 6.46 10.29
N ARG B 14 13.07 6.95 10.33
N ARG B 14 13.07 6.95 10.33
CA ARG B 14 14.24 6.22 9.79
CA ARG B 14 14.24 6.22 9.80
C ARG B 14 15.03 5.64 10.97
C ARG B 14 15.02 5.63 10.98
N MET B 15 15.82 4.60 10.71
CA MET B 15 16.62 3.94 11.74
C MET B 15 18.01 3.66 11.17
N LYS B 16 19.02 3.67 12.04
CA LYS B 16 20.36 3.14 11.73
C LYS B 16 20.72 2.13 12.82
N VAL B 17 21.46 1.08 12.46
CA VAL B 17 21.97 0.09 13.45
C VAL B 17 23.45 -0.19 13.13
N VAL B 18 24.24 -0.27 14.19
CA VAL B 18 25.60 -0.87 14.18
C VAL B 18 25.57 -2.09 15.10
N MET B 19 26.02 -3.22 14.57
CA MET B 19 25.94 -4.54 15.23
C MET B 19 27.32 -5.17 15.18
N GLU B 20 27.78 -5.61 16.34
CA GLU B 20 29.06 -6.32 16.54
C GLU B 20 28.78 -7.64 17.24
N GLY B 21 29.68 -8.60 17.11
CA GLY B 21 29.57 -9.82 17.92
C GLY B 21 30.33 -10.99 17.36
N SER B 22 30.05 -12.15 17.95
CA SER B 22 30.67 -13.44 17.59
C SER B 22 29.62 -14.53 17.70
N VAL B 23 29.67 -15.47 16.79
CA VAL B 23 28.92 -16.75 16.90
C VAL B 23 29.90 -17.90 16.70
N ASN B 24 30.01 -18.78 17.69
CA ASN B 24 31.00 -19.87 17.71
C ASN B 24 32.39 -19.30 17.43
N GLY B 25 32.63 -18.10 17.96
CA GLY B 25 33.95 -17.44 17.93
C GLY B 25 34.25 -16.78 16.59
N HIS B 26 33.31 -16.84 15.64
CA HIS B 26 33.46 -16.10 14.37
C HIS B 26 32.96 -14.66 14.58
N GLN B 27 33.85 -13.70 14.34
CA GLN B 27 33.60 -12.27 14.62
C GLN B 27 33.07 -11.59 13.36
N PHE B 28 32.18 -10.63 13.58
CA PHE B 28 31.55 -9.86 12.49
C PHE B 28 31.10 -8.52 13.02
N LYS B 29 30.83 -7.63 12.06
CA LYS B 29 30.27 -6.29 12.28
C LYS B 29 29.30 -6.03 11.13
N CYS B 30 28.13 -5.49 11.46
CA CYS B 30 27.07 -5.15 10.48
C CYS B 30 26.64 -3.70 10.66
N THR B 31 26.13 -3.12 9.58
CA THR B 31 25.33 -1.88 9.65
C THR B 31 23.98 -2.13 8.96
N GLY B 32 23.00 -1.36 9.37
CA GLY B 32 21.67 -1.43 8.78
C GLY B 32 21.04 -0.06 8.76
N GLU B 33 20.21 0.13 7.74
CA GLU B 33 19.52 1.40 7.49
C GLU B 33 18.15 1.02 6.95
N GLY B 34 17.13 1.68 7.46
CA GLY B 34 15.73 1.34 7.16
C GLY B 34 14.79 2.41 7.63
N GLU B 35 13.53 2.18 7.41
CA GLU B 35 12.45 3.11 7.81
C GLU B 35 11.19 2.28 8.03
N GLY B 36 10.29 2.86 8.80
CA GLY B 36 8.96 2.27 8.97
C GLY B 36 7.92 3.31 9.37
N ARG B 37 6.78 2.77 9.73
CA ARG B 37 5.59 3.48 10.20
C ARG B 37 5.31 2.98 11.60
N PRO B 38 5.82 3.66 12.64
CA PRO B 38 5.70 3.16 14.01
C PRO B 38 4.24 2.93 14.47
N TYR B 39 3.28 3.65 13.88
CA TYR B 39 1.86 3.58 14.29
C TYR B 39 1.16 2.46 13.51
N GLU B 40 1.75 2.01 12.40
CA GLU B 40 1.15 0.89 11.63
C GLU B 40 1.89 -0.41 11.96
N GLY B 41 2.99 -0.32 12.68
CA GLY B 41 3.75 -1.50 13.13
C GLY B 41 4.52 -2.14 12.00
N VAL B 42 4.94 -1.36 11.02
CA VAL B 42 5.61 -1.89 9.81
C VAL B 42 6.95 -1.21 9.66
N GLN B 43 7.95 -1.97 9.23
CA GLN B 43 9.33 -1.45 9.06
C GLN B 43 10.08 -2.37 8.12
N THR B 44 11.07 -1.80 7.44
CA THR B 44 11.97 -2.51 6.54
C THR B 44 13.38 -2.06 6.88
N MET B 45 14.35 -2.96 6.79
CA MET B 45 15.76 -2.58 6.99
C MET B 45 16.66 -3.29 5.99
N ARG B 46 17.62 -2.53 5.47
CA ARG B 46 18.69 -3.05 4.60
C ARG B 46 19.93 -3.26 5.46
N ILE B 47 20.43 -4.49 5.51
CA ILE B 47 21.54 -4.85 6.41
C ILE B 47 22.75 -5.24 5.56
N LYS B 48 23.90 -4.64 5.86
CA LYS B 48 25.20 -4.96 5.23
C LYS B 48 26.09 -5.63 6.27
N VAL B 49 26.68 -6.77 5.92
CA VAL B 49 27.81 -7.32 6.70
C VAL B 49 29.06 -6.58 6.25
N ILE B 50 29.76 -5.88 7.15
CA ILE B 50 30.91 -5.04 6.74
C ILE B 50 32.24 -5.70 7.14
N GLU B 51 32.21 -6.57 8.15
CA GLU B 51 33.40 -7.31 8.63
C GLU B 51 32.98 -8.73 9.01
N GLY B 52 33.77 -9.72 8.64
CA GLY B 52 33.48 -11.12 9.01
C GLY B 52 32.78 -11.88 7.90
N GLY B 53 32.36 -11.20 6.84
CA GLY B 53 31.52 -11.82 5.82
C GLY B 53 32.35 -12.48 4.73
N PRO B 54 31.83 -13.51 4.02
CA PRO B 54 30.53 -14.12 4.31
C PRO B 54 30.53 -14.94 5.61
N LEU B 55 29.45 -14.81 6.38
CA LEU B 55 29.29 -15.47 7.70
C LEU B 55 29.19 -16.97 7.50
N PRO B 56 29.84 -17.77 8.36
CA PRO B 56 29.74 -19.24 8.29
C PRO B 56 28.52 -19.86 8.97
N PHE B 57 27.50 -19.05 9.28
CA PHE B 57 26.26 -19.48 9.98
C PHE B 57 25.06 -18.81 9.31
N ALA B 58 23.84 -19.26 9.62
CA ALA B 58 22.59 -18.71 9.06
C ALA B 58 22.40 -17.27 9.54
N PHE B 59 22.21 -16.32 8.61
CA PHE B 59 22.08 -14.91 8.97
C PHE B 59 20.84 -14.70 9.83
N ASP B 60 19.96 -15.70 9.82
CA ASP B 60 18.63 -15.70 10.46
C ASP B 60 18.76 -15.53 11.97
N ILE B 61 19.88 -15.98 12.54
CA ILE B 61 20.02 -15.94 14.01
C ILE B 61 20.43 -14.53 14.42
N LEU B 62 20.76 -13.65 13.48
CA LEU B 62 20.99 -12.21 13.76
C LEU B 62 19.73 -11.40 13.52
N ALA B 63 18.80 -11.94 12.72
CA ALA B 63 17.70 -11.19 12.08
C ALA B 63 16.85 -10.52 13.16
N THR B 64 16.64 -11.22 14.28
CA THR B 64 15.75 -10.77 15.37
C THR B 64 16.46 -9.83 16.33
N SER B 65 17.75 -9.54 16.10
CA SER B 65 18.53 -8.64 16.98
C SER B 65 18.53 -7.21 16.42
N PHE B 66 18.23 -7.08 15.12
CA PHE B 66 18.22 -5.78 14.41
C PHE B 66 16.92 -5.04 14.69
N1 NRQ B 67 15.58 -5.45 14.33
CE NRQ B 67 13.45 -4.22 10.32
SD NRQ B 67 13.99 -5.88 10.65
CG1 NRQ B 67 13.39 -6.06 12.28
CB1 NRQ B 67 14.36 -7.02 12.93
CA1 NRQ B 67 14.73 -6.39 14.24
C1 NRQ B 67 14.09 -7.01 15.44
N2 NRQ B 67 13.14 -7.99 15.28
OH NRQ B 67 10.33 -12.03 21.34
CD2 NRQ B 67 10.56 -11.00 17.82
CE2 NRQ B 67 10.17 -11.66 18.97
CZ NRQ B 67 10.72 -11.36 20.22
CE1 NRQ B 67 11.66 -10.36 20.29
CD1 NRQ B 67 12.04 -9.69 19.13
CG2 NRQ B 67 11.51 -9.99 17.88
CB2 NRQ B 67 11.86 -9.31 16.62
CA2 NRQ B 67 12.75 -8.33 16.51
C2 NRQ B 67 13.51 -7.48 17.45
O2 NRQ B 67 13.46 -7.43 18.73
N3 NRQ B 67 14.31 -6.69 16.76
CA3 NRQ B 67 15.22 -5.72 17.41
C3 NRQ B 67 14.81 -4.31 17.12
O3 NRQ B 67 15.51 -3.38 17.58
N SER B 68 13.41 -4.17 17.19
CA SER B 68 13.09 -2.80 16.72
C SER B 68 11.69 -2.47 17.21
N ARG B 69 11.63 -2.16 18.51
CA ARG B 69 10.43 -2.24 19.36
C ARG B 69 9.60 -0.96 19.24
N THR B 70 10.16 0.10 18.66
CA THR B 70 9.46 1.39 18.51
C THR B 70 8.34 1.24 17.46
N PHE B 71 8.47 0.26 16.57
CA PHE B 71 7.52 0.01 15.47
C PHE B 71 6.56 -1.11 15.85
N ILE B 72 5.94 -1.01 17.01
CA ILE B 72 4.83 -1.91 17.39
C ILE B 72 3.53 -1.10 17.34
N LYS B 73 2.53 -1.62 16.64
CA LYS B 73 1.16 -1.06 16.61
C LYS B 73 0.51 -1.37 17.95
N TYR B 74 0.20 -0.33 18.70
CA TYR B 74 -0.53 -0.46 19.97
C TYR B 74 -1.96 0.04 19.78
N PRO B 75 -2.99 -0.74 20.15
CA PRO B 75 -4.35 -0.26 20.08
C PRO B 75 -4.52 0.81 21.16
N ALA B 76 -5.59 1.60 21.05
CA ALA B 76 -5.93 2.70 21.99
C ALA B 76 -5.82 2.25 23.45
N ASP B 77 -6.17 0.99 23.73
CA ASP B 77 -6.39 0.47 25.11
C ASP B 77 -5.07 0.10 25.79
N ILE B 78 -3.96 -0.06 25.04
CA ILE B 78 -2.70 -0.62 25.58
C ILE B 78 -1.63 0.45 25.51
N PRO B 79 -1.14 0.96 26.66
CA PRO B 79 -0.03 1.92 26.69
C PRO B 79 1.23 1.40 25.98
N ASP B 80 1.94 2.26 25.26
CA ASP B 80 3.12 1.89 24.45
C ASP B 80 4.38 2.22 25.25
N PHE B 81 4.94 1.25 25.95
CA PHE B 81 6.16 1.42 26.79
C PHE B 81 7.30 2.03 25.96
N PHE B 82 7.45 1.54 24.73
CA PHE B 82 8.61 1.87 23.86
C PHE B 82 8.52 3.32 23.38
N LYS B 83 7.38 3.75 22.84
CA LYS B 83 7.24 5.11 22.28
C LYS B 83 7.29 6.15 23.40
N GLN B 84 6.77 5.82 24.57
CA GLN B 84 6.74 6.73 25.73
C GLN B 84 8.16 6.98 26.26
N SER B 85 9.15 6.17 25.85
CA SER B 85 10.50 6.23 26.45
C SER B 85 11.32 7.38 25.87
N PHE B 86 10.87 7.99 24.78
CA PHE B 86 11.68 9.00 24.06
C PHE B 86 11.52 10.33 24.79
N PRO B 87 12.51 11.25 24.73
CA PRO B 87 13.68 11.12 23.85
C PRO B 87 14.88 10.26 24.28
N GLU B 88 14.87 9.75 25.52
CA GLU B 88 16.06 9.05 26.05
C GLU B 88 16.13 7.64 25.47
N GLY B 89 14.97 7.01 25.20
CA GLY B 89 14.91 5.67 24.59
C GLY B 89 14.97 4.57 25.63
N PHE B 90 15.40 3.39 25.21
CA PHE B 90 15.36 2.19 26.07
C PHE B 90 16.49 1.23 25.66
N THR B 91 16.71 0.26 26.54
CA THR B 91 17.67 -0.85 26.33
C THR B 91 16.87 -2.14 26.35
N TRP B 92 17.44 -3.18 25.76
CA TRP B 92 16.96 -4.55 26.03
C TRP B 92 18.15 -5.50 26.08
N GLU B 93 17.98 -6.53 26.90
CA GLU B 93 18.92 -7.63 27.16
C GLU B 93 18.17 -8.90 26.82
N ARG B 94 18.76 -9.79 26.04
CA ARG B 94 18.05 -11.01 25.63
C ARG B 94 18.98 -12.21 25.79
N VAL B 95 18.41 -13.34 26.18
CA VAL B 95 19.10 -14.65 26.06
C VAL B 95 18.19 -15.53 25.24
N THR B 96 18.75 -16.12 24.20
CA THR B 96 18.06 -17.06 23.32
C THR B 96 18.70 -18.42 23.51
N ARG B 97 17.88 -19.46 23.64
CA ARG B 97 18.37 -20.82 23.89
C ARG B 97 17.78 -21.69 22.80
N TYR B 98 18.63 -22.34 22.03
CA TYR B 98 18.19 -23.25 20.95
C TYR B 98 18.14 -24.67 21.50
N GLU B 99 17.18 -25.44 21.01
CA GLU B 99 16.91 -26.82 21.50
C GLU B 99 18.12 -27.69 21.17
N ASP B 100 18.93 -27.29 20.18
CA ASP B 100 20.08 -28.07 19.66
C ASP B 100 21.33 -27.81 20.48
N GLY B 101 21.34 -26.74 21.28
CA GLY B 101 22.46 -26.45 22.19
C GLY B 101 22.88 -25.00 22.13
N GLY B 102 22.58 -24.30 21.02
CA GLY B 102 23.04 -22.93 20.78
C GLY B 102 22.50 -21.96 21.82
N VAL B 103 23.34 -21.01 22.23
CA VAL B 103 22.95 -19.93 23.17
C VAL B 103 23.42 -18.60 22.58
N VAL B 104 22.51 -17.63 22.47
CA VAL B 104 22.85 -16.26 22.02
C VAL B 104 22.40 -15.28 23.11
N THR B 105 23.29 -14.43 23.56
CA THR B 105 22.89 -13.30 24.44
C THR B 105 23.13 -12.00 23.65
N VAL B 106 22.23 -11.05 23.83
CA VAL B 106 22.21 -9.80 23.05
C VAL B 106 21.92 -8.66 24.01
N THR B 107 22.63 -7.56 23.82
CA THR B 107 22.46 -6.29 24.55
C THR B 107 22.18 -5.25 23.48
N GLN B 108 21.18 -4.40 23.72
CA GLN B 108 20.78 -3.40 22.72
C GLN B 108 20.48 -2.07 23.38
N ASP B 109 21.02 -1.01 22.78
CA ASP B 109 20.71 0.38 23.13
C ASP B 109 19.93 1.02 21.99
N THR B 110 18.77 1.58 22.33
CA THR B 110 17.97 2.41 21.41
C THR B 110 17.99 3.84 21.90
N SER B 111 18.42 4.75 21.04
CA SER B 111 18.29 6.20 21.26
C SER B 111 17.71 6.85 20.00
N LEU B 112 17.41 8.14 20.13
CA LEU B 112 16.88 8.98 19.06
C LEU B 112 17.87 10.11 18.88
N GLU B 113 18.43 10.26 17.69
CA GLU B 113 19.50 11.26 17.44
C GLU B 113 19.21 11.94 16.10
N ASP B 114 18.89 13.24 16.14
CA ASP B 114 18.57 14.03 14.93
C ASP B 114 17.34 13.44 14.21
N GLY B 115 16.35 12.97 14.98
CA GLY B 115 15.09 12.46 14.41
C GLY B 115 15.23 11.10 13.74
N GLU B 116 16.37 10.41 13.89
CA GLU B 116 16.53 9.01 13.44
C GLU B 116 16.72 8.12 14.67
N LEU B 117 16.08 6.97 14.67
CA LEU B 117 16.28 5.96 15.73
C LEU B 117 17.63 5.30 15.51
N VAL B 118 18.45 5.26 16.56
CA VAL B 118 19.83 4.71 16.49
C VAL B 118 19.95 3.50 17.44
N TYR B 119 20.32 2.36 16.87
CA TYR B 119 20.45 1.04 17.54
C TYR B 119 21.91 0.61 17.57
N ASN B 120 22.36 0.23 18.74
CA ASN B 120 23.71 -0.32 19.00
C ASN B 120 23.52 -1.70 19.63
N VAL B 121 24.00 -2.72 18.95
CA VAL B 121 23.75 -4.13 19.32
C VAL B 121 25.10 -4.84 19.48
N LYS B 122 25.21 -5.62 20.56
CA LYS B 122 26.35 -6.53 20.82
C LYS B 122 25.77 -7.94 20.95
N VAL B 123 26.28 -8.88 20.18
CA VAL B 123 25.71 -10.25 20.05
C VAL B 123 26.79 -11.26 20.43
N ARG B 124 26.39 -12.26 21.18
CA ARG B 124 27.33 -13.25 21.75
C ARG B 124 26.72 -14.63 21.58
N GLY B 125 27.22 -15.44 20.65
CA GLY B 125 26.68 -16.79 20.42
C GLY B 125 27.73 -17.85 20.65
N VAL B 126 27.34 -18.97 21.26
CA VAL B 126 28.23 -20.11 21.62
C VAL B 126 27.47 -21.42 21.42
N ASN B 127 28.20 -22.51 21.20
CA ASN B 127 27.70 -23.89 21.40
C ASN B 127 26.67 -24.29 20.35
N PHE B 128 26.71 -23.69 19.19
CA PHE B 128 25.91 -24.20 18.06
C PHE B 128 26.60 -25.46 17.56
N PRO B 129 25.88 -26.59 17.40
CA PRO B 129 26.46 -27.80 16.82
C PRO B 129 26.93 -27.53 15.39
N SER B 130 28.13 -28.01 15.04
CA SER B 130 28.77 -27.67 13.76
C SER B 130 27.89 -28.17 12.59
N ASN B 131 27.44 -29.41 12.68
CA ASN B 131 26.70 -30.03 11.56
C ASN B 131 25.20 -29.85 11.79
N GLY B 132 24.80 -28.95 12.70
CA GLY B 132 23.40 -28.52 12.86
C GLY B 132 23.00 -27.49 11.81
N PRO B 133 21.69 -27.25 11.59
CA PRO B 133 21.23 -26.39 10.49
C PRO B 133 21.72 -24.93 10.53
N VAL B 134 22.04 -24.39 11.71
CA VAL B 134 22.49 -22.98 11.87
C VAL B 134 23.89 -22.83 11.29
N MET B 135 24.85 -23.65 11.74
CA MET B 135 26.24 -23.56 11.26
C MET B 135 26.32 -24.08 9.82
N GLN B 136 25.34 -24.86 9.38
CA GLN B 136 25.28 -25.40 8.00
C GLN B 136 24.57 -24.41 7.07
N LYS B 137 24.06 -23.30 7.61
CA LYS B 137 23.28 -22.28 6.87
C LYS B 137 22.15 -22.97 6.10
N LYS B 138 21.34 -23.75 6.78
CA LYS B 138 20.23 -24.52 6.15
C LYS B 138 18.92 -24.09 6.80
N THR B 139 18.73 -22.79 6.96
CA THR B 139 17.52 -22.21 7.57
C THR B 139 16.75 -21.42 6.50
N LYS B 140 15.43 -21.30 6.65
CA LYS B 140 14.55 -20.68 5.65
C LYS B 140 13.69 -19.59 6.29
N GLY B 141 14.20 -18.93 7.32
CA GLY B 141 13.49 -17.83 8.00
C GLY B 141 12.70 -18.29 9.21
N TRP B 142 12.13 -17.32 9.92
CA TRP B 142 11.37 -17.54 11.17
C TRP B 142 9.87 -17.67 10.88
N GLU B 143 9.21 -18.58 11.59
CA GLU B 143 7.73 -18.66 11.60
C GLU B 143 7.19 -17.48 12.40
N PRO B 144 6.02 -16.91 12.02
CA PRO B 144 5.35 -15.92 12.84
C PRO B 144 5.30 -16.39 14.29
N ASN B 145 5.44 -15.44 15.21
CA ASN B 145 5.54 -15.77 16.65
C ASN B 145 4.80 -14.72 17.45
N THR B 146 4.42 -15.09 18.67
CA THR B 146 3.71 -14.21 19.61
C THR B 146 4.53 -14.14 20.88
N GLU B 147 4.86 -12.93 21.30
CA GLU B 147 5.65 -12.64 22.51
C GLU B 147 4.68 -12.22 23.59
N MET B 148 4.83 -12.79 24.79
CA MET B 148 4.06 -12.38 25.99
C MET B 148 4.86 -11.32 26.71
N MET B 149 4.21 -10.21 27.04
CA MET B 149 4.85 -9.07 27.72
C MET B 149 4.25 -8.94 29.12
N TYR B 150 5.10 -8.96 30.13
CA TYR B 150 4.70 -8.83 31.56
C TYR B 150 5.42 -7.63 32.17
N PRO B 151 4.68 -6.72 32.84
CA PRO B 151 5.29 -5.68 33.67
C PRO B 151 6.23 -6.27 34.71
N ALA B 152 7.33 -5.58 34.96
CA ALA B 152 8.42 -6.07 35.83
C ALA B 152 9.32 -4.90 36.18
N ASP B 153 9.18 -4.37 37.40
CA ASP B 153 10.13 -3.41 38.04
C ASP B 153 10.33 -2.19 37.11
N GLY B 154 9.24 -1.49 36.77
CA GLY B 154 9.29 -0.30 35.91
C GLY B 154 9.77 -0.63 34.50
N GLY B 155 9.87 -1.92 34.17
CA GLY B 155 10.20 -2.37 32.80
C GLY B 155 9.31 -3.51 32.33
N LEU B 156 9.69 -4.14 31.23
CA LEU B 156 8.92 -5.28 30.69
C LEU B 156 9.81 -6.52 30.64
N ARG B 157 9.16 -7.67 30.73
CA ARG B 157 9.73 -8.97 30.41
C ARG B 157 8.93 -9.57 29.27
N GLY B 158 9.63 -9.91 28.18
CA GLY B 158 9.04 -10.58 27.01
C GLY B 158 9.44 -12.03 27.01
N TYR B 159 8.51 -12.90 26.66
CA TYR B 159 8.75 -14.35 26.56
C TYR B 159 8.25 -14.82 25.20
N THR B 160 9.07 -15.56 24.48
CA THR B 160 8.69 -16.13 23.19
C THR B 160 9.23 -17.53 23.01
N ASP B 161 8.45 -18.40 22.38
CA ASP B 161 9.01 -19.58 21.71
C ASP B 161 8.92 -19.34 20.21
N ILE B 162 10.04 -19.33 19.51
CA ILE B 162 10.03 -19.13 18.04
C ILE B 162 10.58 -20.37 17.36
N ALA B 163 10.06 -20.65 16.15
CA ALA B 163 10.52 -21.76 15.29
C ALA B 163 11.19 -21.19 14.05
N LEU B 164 12.40 -21.67 13.83
CA LEU B 164 13.22 -21.42 12.64
C LEU B 164 12.93 -22.54 11.64
N LYS B 165 12.52 -22.17 10.43
CA LYS B 165 12.31 -23.10 9.30
C LYS B 165 13.65 -23.68 8.87
N VAL B 166 13.70 -25.01 8.76
CA VAL B 166 14.92 -25.75 8.35
C VAL B 166 14.72 -26.25 6.93
N ASP B 167 15.73 -26.02 6.10
CA ASP B 167 15.89 -26.56 4.73
C ASP B 167 15.58 -28.06 4.74
N GLY B 168 14.62 -28.46 3.90
CA GLY B 168 14.13 -29.85 3.80
C GLY B 168 12.91 -30.08 4.68
N GLY B 169 12.21 -29.01 5.07
CA GLY B 169 11.08 -29.08 6.01
C GLY B 169 11.57 -29.32 7.43
N GLY B 170 10.69 -29.12 8.41
CA GLY B 170 11.07 -29.22 9.83
C GLY B 170 11.40 -27.86 10.43
N HIS B 171 11.40 -27.79 11.75
CA HIS B 171 11.50 -26.55 12.55
C HIS B 171 12.54 -26.73 13.63
N LEU B 172 13.38 -25.73 13.85
CA LEU B 172 14.32 -25.72 14.98
C LEU B 172 13.77 -24.73 15.99
N HIS B 173 13.43 -25.21 17.18
CA HIS B 173 12.84 -24.33 18.20
C HIS B 173 13.95 -23.65 18.99
N CYS B 174 13.67 -22.40 19.32
CA CYS B 174 14.41 -21.70 20.36
C CYS B 174 13.43 -20.89 21.17
N ASN B 175 13.85 -20.58 22.38
CA ASN B 175 13.08 -19.74 23.31
C ASN B 175 13.90 -18.50 23.57
N PHE B 176 13.28 -17.35 23.72
CA PHE B 176 14.05 -16.27 24.36
C PHE B 176 13.22 -15.45 25.31
N VAL B 177 13.97 -14.88 26.25
CA VAL B 177 13.51 -14.08 27.41
C VAL B 177 14.19 -12.73 27.26
N THR B 178 13.41 -11.66 27.30
CA THR B 178 13.94 -10.31 27.04
C THR B 178 13.52 -9.44 28.20
N THR B 179 14.44 -8.66 28.75
CA THR B 179 14.06 -7.60 29.71
C THR B 179 14.28 -6.25 29.01
N TYR B 180 13.19 -5.49 28.92
CA TYR B 180 13.19 -4.13 28.35
C TYR B 180 13.20 -3.14 29.50
N ARG B 181 14.14 -2.18 29.47
CA ARG B 181 14.16 -1.06 30.42
C ARG B 181 14.17 0.27 29.68
N SER B 182 13.39 1.21 30.18
CA SER B 182 13.37 2.61 29.75
C SER B 182 14.64 3.30 30.23
N LYS B 183 15.19 4.21 29.43
CA LYS B 183 16.29 5.08 29.90
C LYS B 183 15.70 6.34 30.55
N LYS B 184 14.38 6.53 30.46
CA LYS B 184 13.64 7.62 31.11
C LYS B 184 13.54 7.34 32.62
N THR B 185 14.60 7.68 33.34
CA THR B 185 14.79 7.46 34.81
C THR B 185 13.85 8.39 35.60
N VAL B 186 14.01 9.69 35.38
CA VAL B 186 13.11 10.73 35.91
C VAL B 186 12.09 10.96 34.80
N GLY B 187 10.85 10.54 35.01
CA GLY B 187 9.80 10.54 33.99
C GLY B 187 8.48 9.94 34.44
N ASN B 188 7.40 10.44 33.87
CA ASN B 188 6.04 9.87 34.04
C ASN B 188 5.78 8.96 32.85
N ILE B 189 5.73 7.65 33.09
CA ILE B 189 5.49 6.65 32.02
C ILE B 189 4.31 5.79 32.43
N LYS B 190 3.30 5.70 31.57
CA LYS B 190 2.11 4.85 31.82
C LYS B 190 2.48 3.42 31.43
N MET B 191 2.32 2.48 32.36
CA MET B 191 2.76 1.07 32.18
C MET B 191 1.60 0.25 31.65
N PRO B 192 1.81 -0.62 30.64
CA PRO B 192 0.76 -1.55 30.21
C PRO B 192 0.71 -2.70 31.21
N GLY B 193 -0.42 -3.41 31.19
CA GLY B 193 -0.58 -4.70 31.87
C GLY B 193 0.00 -5.80 31.02
N VAL B 194 -0.28 -7.04 31.37
CA VAL B 194 0.11 -8.21 30.54
C VAL B 194 -0.57 -8.04 29.18
N HIS B 195 0.15 -8.36 28.12
CA HIS B 195 -0.37 -8.28 26.74
C HIS B 195 0.57 -9.08 25.85
N ALA B 196 0.16 -9.27 24.59
CA ALA B 196 0.89 -10.09 23.59
C ALA B 196 1.26 -9.22 22.38
N VAL B 197 2.33 -9.59 21.69
CA VAL B 197 2.75 -8.96 20.41
C VAL B 197 2.94 -10.07 19.41
N ASP B 198 2.21 -9.98 18.30
CA ASP B 198 2.39 -10.84 17.11
C ASP B 198 3.50 -10.24 16.24
N HIS B 199 4.49 -11.07 15.88
CA HIS B 199 5.58 -10.69 14.97
C HIS B 199 5.56 -11.51 13.70
N ARG B 200 5.73 -10.83 12.58
N ARG B 200 5.68 -10.81 12.59
CA ARG B 200 5.94 -11.40 11.24
CA ARG B 200 5.97 -11.45 11.31
C ARG B 200 7.28 -10.88 10.74
C ARG B 200 7.30 -10.91 10.80
N LEU B 201 8.28 -11.75 10.58
CA LEU B 201 9.59 -11.26 10.10
C LEU B 201 9.84 -11.98 8.80
N GLU B 202 9.96 -11.24 7.70
CA GLU B 202 10.04 -11.84 6.34
C GLU B 202 11.27 -11.30 5.62
N ARG B 203 12.06 -12.16 5.01
CA ARG B 203 13.19 -11.71 4.16
C ARG B 203 12.66 -11.43 2.77
N ILE B 204 12.90 -10.23 2.26
CA ILE B 204 12.37 -9.82 0.93
C ILE B 204 13.49 -9.77 -0.10
N GLU B 205 14.75 -9.87 0.33
CA GLU B 205 15.91 -9.81 -0.58
C GLU B 205 17.18 -10.31 0.10
N GLU B 206 18.06 -10.88 -0.70
CA GLU B 206 19.29 -11.59 -0.29
C GLU B 206 20.33 -11.43 -1.40
N SER B 207 21.60 -11.28 -1.07
CA SER B 207 22.66 -11.09 -2.09
C SER B 207 24.03 -11.48 -1.53
N ASP B 208 24.81 -12.16 -2.38
CA ASP B 208 26.25 -12.51 -2.20
C ASP B 208 26.47 -13.24 -0.87
N ASN B 209 25.92 -14.44 -0.76
CA ASN B 209 26.10 -15.32 0.42
C ASN B 209 25.63 -14.58 1.69
N GLU B 210 24.52 -13.85 1.62
CA GLU B 210 23.89 -13.20 2.78
C GLU B 210 24.76 -12.06 3.32
N THR B 211 25.62 -11.45 2.49
CA THR B 211 26.38 -10.26 2.93
C THR B 211 25.49 -9.02 2.83
N TYR B 212 24.40 -9.10 2.06
CA TYR B 212 23.38 -8.04 1.97
C TYR B 212 21.99 -8.66 2.11
N VAL B 213 21.23 -8.16 3.08
CA VAL B 213 19.94 -8.75 3.48
C VAL B 213 18.96 -7.61 3.70
N VAL B 214 17.77 -7.77 3.14
CA VAL B 214 16.64 -6.83 3.33
C VAL B 214 15.48 -7.62 3.95
N GLN B 215 14.99 -7.13 5.08
CA GLN B 215 13.93 -7.83 5.83
C GLN B 215 12.86 -6.83 6.25
N ARG B 216 11.63 -7.33 6.36
CA ARG B 216 10.43 -6.56 6.72
C ARG B 216 9.81 -7.20 7.95
N GLU B 217 9.45 -6.38 8.94
CA GLU B 217 8.83 -6.83 10.21
C GLU B 217 7.48 -6.15 10.40
N VAL B 218 6.45 -6.95 10.69
CA VAL B 218 5.11 -6.44 11.10
C VAL B 218 4.79 -6.93 12.51
N ALA B 219 4.65 -5.99 13.45
CA ALA B 219 4.47 -6.27 14.88
C ALA B 219 3.24 -5.52 15.38
N VAL B 220 2.30 -6.24 15.98
CA VAL B 220 1.04 -5.67 16.50
C VAL B 220 0.80 -6.19 17.92
N ALA B 221 0.67 -5.27 18.88
CA ALA B 221 0.25 -5.54 20.27
C ALA B 221 -1.25 -5.83 20.33
N LYS B 222 -1.62 -6.76 21.20
CA LYS B 222 -3.02 -7.25 21.34
C LYS B 222 -3.26 -7.65 22.80
N TYR B 223 -4.54 -7.70 23.15
CA TYR B 223 -5.02 -8.06 24.50
C TYR B 223 -4.86 -9.57 24.70
N SER B 224 -4.65 -9.97 25.96
CA SER B 224 -4.63 -11.39 26.37
C SER B 224 -5.58 -11.56 27.57
N GLY C 5 31.11 -2.85 -19.27
CA GLY C 5 30.68 -3.11 -17.86
C GLY C 5 29.33 -3.81 -17.74
N GLU C 6 28.90 -4.55 -18.77
CA GLU C 6 27.68 -5.40 -18.70
C GLU C 6 27.72 -6.33 -17.47
N GLU C 7 28.87 -6.93 -17.14
CA GLU C 7 28.89 -7.98 -16.09
C GLU C 7 29.12 -7.32 -14.73
N LEU C 8 29.55 -6.06 -14.73
CA LEU C 8 29.92 -5.33 -13.48
C LEU C 8 28.66 -4.69 -12.87
N ILE C 9 27.67 -4.40 -13.69
CA ILE C 9 26.37 -3.86 -13.22
C ILE C 9 25.43 -5.05 -13.00
N LYS C 10 25.19 -5.38 -11.73
CA LYS C 10 24.37 -6.55 -11.33
C LYS C 10 22.88 -6.19 -11.41
N GLU C 11 22.02 -7.20 -11.32
CA GLU C 11 20.56 -7.00 -11.47
C GLU C 11 20.06 -6.15 -10.28
N ASN C 12 20.80 -6.12 -9.17
CA ASN C 12 20.51 -5.24 -8.02
C ASN C 12 21.74 -4.36 -7.77
N MET C 13 21.53 -3.04 -7.73
CA MET C 13 22.63 -2.08 -7.51
C MET C 13 22.17 -1.02 -6.53
N ARG C 14 23.11 -0.55 -5.72
N ARG C 14 23.11 -0.53 -5.74
CA ARG C 14 22.89 0.56 -4.77
CA ARG C 14 22.89 0.54 -4.75
C ARG C 14 23.51 1.82 -5.36
C ARG C 14 23.52 1.81 -5.32
N MET C 15 23.01 2.99 -4.96
CA MET C 15 23.60 4.26 -5.43
C MET C 15 23.77 5.20 -4.24
N LYS C 16 24.79 6.05 -4.32
CA LYS C 16 25.03 7.15 -3.37
C LYS C 16 25.24 8.42 -4.18
N VAL C 17 24.87 9.57 -3.63
CA VAL C 17 25.02 10.87 -4.36
C VAL C 17 25.34 11.95 -3.34
N VAL C 18 26.26 12.83 -3.70
CA VAL C 18 26.46 14.15 -3.04
C VAL C 18 26.18 15.25 -4.08
N MET C 19 25.31 16.18 -3.72
CA MET C 19 24.83 17.27 -4.59
C MET C 19 25.08 18.59 -3.89
N GLU C 20 25.74 19.49 -4.59
CA GLU C 20 26.24 20.75 -4.04
C GLU C 20 25.94 21.82 -5.08
N GLY C 21 25.67 23.04 -4.63
CA GLY C 21 25.34 24.10 -5.59
C GLY C 21 24.52 25.21 -5.00
N SER C 22 23.91 26.00 -5.89
CA SER C 22 23.26 27.28 -5.56
C SER C 22 22.10 27.49 -6.51
N VAL C 23 21.02 28.05 -6.02
CA VAL C 23 19.90 28.56 -6.84
C VAL C 23 19.58 29.98 -6.37
N ASN C 24 19.65 30.94 -7.28
CA ASN C 24 19.52 32.39 -7.00
C ASN C 24 20.47 32.76 -5.86
N GLY C 25 21.64 32.11 -5.83
CA GLY C 25 22.72 32.42 -4.87
C GLY C 25 22.50 31.79 -3.51
N HIS C 26 21.43 31.02 -3.32
CA HIS C 26 21.23 30.26 -2.08
C HIS C 26 21.95 28.91 -2.19
N GLN C 27 22.87 28.66 -1.27
CA GLN C 27 23.75 27.47 -1.32
C GLN C 27 23.18 26.36 -0.45
N PHE C 28 23.42 25.14 -0.89
CA PHE C 28 22.93 23.91 -0.24
C PHE C 28 23.84 22.74 -0.60
N LYS C 29 23.72 21.70 0.22
CA LYS C 29 24.34 20.40 -0.02
C LYS C 29 23.33 19.32 0.35
N CYS C 30 23.25 18.30 -0.51
CA CYS C 30 22.39 17.12 -0.30
C CYS C 30 23.23 15.85 -0.39
N THR C 31 22.75 14.82 0.30
CA THR C 31 23.22 13.44 0.09
C THR C 31 22.01 12.56 -0.17
N GLY C 32 22.24 11.51 -0.93
CA GLY C 32 21.19 10.55 -1.25
C GLY C 32 21.75 9.15 -1.31
N GLU C 33 20.88 8.23 -0.99
CA GLU C 33 21.16 6.79 -0.89
C GLU C 33 19.92 6.09 -1.41
N GLY C 34 20.14 5.12 -2.28
CA GLY C 34 19.04 4.36 -2.88
C GLY C 34 19.52 3.11 -3.58
N GLU C 35 18.62 2.46 -4.27
CA GLU C 35 18.88 1.18 -4.95
C GLU C 35 17.84 1.02 -6.04
N GLY C 36 18.15 0.18 -7.01
CA GLY C 36 17.18 -0.22 -8.05
C GLY C 36 17.62 -1.45 -8.79
N ARG C 37 16.90 -1.72 -9.88
CA ARG C 37 17.14 -2.87 -10.77
C ARG C 37 17.48 -2.28 -12.12
N PRO C 38 18.78 -2.14 -12.45
CA PRO C 38 19.21 -1.50 -13.69
C PRO C 38 18.60 -2.10 -14.97
N TYR C 39 18.30 -3.39 -14.94
CA TYR C 39 17.80 -4.15 -16.12
C TYR C 39 16.28 -4.03 -16.21
N GLU C 40 15.63 -3.65 -15.11
CA GLU C 40 14.17 -3.51 -15.06
C GLU C 40 13.82 -2.03 -15.14
N GLY C 41 14.82 -1.15 -15.08
CA GLY C 41 14.66 0.30 -15.32
C GLY C 41 13.95 1.01 -14.19
N VAL C 42 14.10 0.51 -12.97
CA VAL C 42 13.49 1.13 -11.77
C VAL C 42 14.60 1.39 -10.75
N GLN C 43 14.45 2.45 -9.99
CA GLN C 43 15.25 2.70 -8.79
C GLN C 43 14.52 3.72 -7.92
N THR C 44 14.98 3.84 -6.68
CA THR C 44 14.49 4.79 -5.67
C THR C 44 15.73 5.45 -5.07
N MET C 45 15.57 6.71 -4.68
CA MET C 45 16.57 7.46 -3.90
C MET C 45 15.91 8.11 -2.69
N ARG C 46 16.58 8.04 -1.55
CA ARG C 46 16.20 8.79 -0.34
C ARG C 46 17.21 9.92 -0.18
N ILE C 47 16.72 11.17 -0.16
CA ILE C 47 17.59 12.37 -0.24
C ILE C 47 17.43 13.18 1.04
N LYS C 48 18.56 13.55 1.64
CA LYS C 48 18.63 14.46 2.80
C LYS C 48 19.23 15.80 2.35
N VAL C 49 18.56 16.89 2.69
CA VAL C 49 19.20 18.24 2.62
C VAL C 49 20.03 18.38 3.90
N ILE C 50 21.35 18.52 3.77
CA ILE C 50 22.24 18.51 4.97
C ILE C 50 22.77 19.92 5.24
N GLU C 51 22.85 20.77 4.22
CA GLU C 51 23.28 22.18 4.41
C GLU C 51 22.39 23.10 3.60
N GLY C 52 21.96 24.18 4.23
CA GLY C 52 21.19 25.27 3.59
C GLY C 52 19.69 25.06 3.67
N GLY C 53 19.21 24.30 4.65
CA GLY C 53 17.78 23.95 4.72
C GLY C 53 17.05 24.81 5.74
N PRO C 54 15.70 24.94 5.67
CA PRO C 54 14.93 24.53 4.49
C PRO C 54 15.21 25.40 3.26
N LEU C 55 15.24 24.76 2.08
CA LEU C 55 15.49 25.43 0.78
C LEU C 55 14.37 26.45 0.50
N PRO C 56 14.73 27.70 0.14
CA PRO C 56 13.73 28.68 -0.32
C PRO C 56 13.18 28.53 -1.74
N PHE C 57 13.30 27.35 -2.33
CA PHE C 57 12.78 27.05 -3.70
C PHE C 57 12.25 25.62 -3.72
N ALA C 58 11.48 25.30 -4.76
CA ALA C 58 10.85 24.00 -4.98
C ALA C 58 11.93 22.93 -5.13
N PHE C 59 11.85 21.85 -4.34
CA PHE C 59 12.84 20.75 -4.43
C PHE C 59 12.80 20.15 -5.84
N ASP C 60 11.67 20.31 -6.52
CA ASP C 60 11.39 19.75 -7.86
C ASP C 60 12.52 20.08 -8.84
N ILE C 61 13.15 21.24 -8.74
CA ILE C 61 14.16 21.66 -9.74
C ILE C 61 15.46 20.89 -9.53
N LEU C 62 15.63 20.23 -8.39
CA LEU C 62 16.83 19.39 -8.12
C LEU C 62 16.54 17.93 -8.46
N ALA C 63 15.26 17.56 -8.53
CA ALA C 63 14.77 16.16 -8.54
C ALA C 63 15.41 15.39 -9.68
N THR C 64 15.54 16.03 -10.85
CA THR C 64 16.02 15.37 -12.08
C THR C 64 17.55 15.32 -12.14
N SER C 65 18.24 15.91 -11.16
CA SER C 65 19.73 16.00 -11.16
C SER C 65 20.32 14.85 -10.34
N PHE C 66 19.51 14.25 -9.48
CA PHE C 66 19.90 13.07 -8.66
C PHE C 66 19.92 11.82 -9.54
N1 NRQ C 67 19.33 10.79 -10.37
CE NRQ C 67 16.11 7.34 -8.18
SD NRQ C 67 15.65 8.89 -8.83
CG1 NRQ C 67 16.77 9.13 -10.13
CB1 NRQ C 67 16.98 10.63 -10.15
CA1 NRQ C 67 18.22 10.90 -10.93
C1 NRQ C 67 18.05 11.42 -12.30
N2 NRQ C 67 16.81 11.65 -12.81
OH NRQ C 67 15.78 14.73 -19.79
CD2 NRQ C 67 14.62 13.26 -16.64
CE2 NRQ C 67 14.59 13.83 -17.91
CZ NRQ C 67 15.77 14.17 -18.56
CE1 NRQ C 67 16.99 13.94 -17.96
CD1 NRQ C 67 17.02 13.37 -16.71
CG2 NRQ C 67 15.85 13.02 -16.04
CB2 NRQ C 67 15.87 12.39 -14.72
CA2 NRQ C 67 16.96 12.07 -14.04
C2 NRQ C 67 18.41 12.09 -14.30
O2 NRQ C 67 19.03 12.43 -15.39
N3 NRQ C 67 19.03 11.67 -13.21
CA3 NRQ C 67 20.50 11.55 -13.08
C3 NRQ C 67 21.02 10.14 -12.88
O3 NRQ C 67 22.25 9.87 -12.95
N SER C 68 19.94 9.35 -13.20
CA SER C 68 20.59 8.14 -12.70
C SER C 68 20.54 7.13 -13.85
N ARG C 69 21.51 7.24 -14.76
CA ARG C 69 21.41 6.78 -16.15
C ARG C 69 21.76 5.30 -16.26
N THR C 70 22.37 4.74 -15.23
CA THR C 70 22.75 3.32 -15.21
C THR C 70 21.49 2.46 -15.08
N PHE C 71 20.40 3.00 -14.54
CA PHE C 71 19.14 2.28 -14.33
C PHE C 71 18.17 2.65 -15.45
N ILE C 72 18.53 2.35 -16.69
CA ILE C 72 17.60 2.45 -17.84
C ILE C 72 17.45 1.04 -18.40
N LYS C 73 16.20 0.59 -18.56
CA LYS C 73 15.89 -0.67 -19.29
C LYS C 73 16.14 -0.43 -20.78
N TYR C 74 17.11 -1.16 -21.33
CA TYR C 74 17.40 -1.11 -22.77
C TYR C 74 16.98 -2.46 -23.37
N PRO C 75 16.23 -2.47 -24.49
CA PRO C 75 15.93 -3.72 -25.16
C PRO C 75 17.23 -4.22 -25.79
N ALA C 76 17.28 -5.51 -26.14
CA ALA C 76 18.54 -6.20 -26.52
C ALA C 76 19.23 -5.47 -27.66
N ASP C 77 18.46 -4.87 -28.58
CA ASP C 77 19.01 -4.41 -29.88
C ASP C 77 19.42 -2.94 -29.81
N ILE C 78 19.27 -2.27 -28.67
CA ILE C 78 19.78 -0.87 -28.48
C ILE C 78 20.93 -0.92 -27.47
N PRO C 79 22.18 -0.67 -27.92
CA PRO C 79 23.35 -0.69 -27.03
C PRO C 79 23.20 0.29 -25.85
N ASP C 80 23.64 -0.14 -24.68
CA ASP C 80 23.41 0.61 -23.42
C ASP C 80 24.69 1.38 -23.08
N PHE C 81 24.78 2.62 -23.54
CA PHE C 81 25.99 3.47 -23.46
C PHE C 81 26.50 3.55 -22.02
N PHE C 82 25.57 3.67 -21.07
CA PHE C 82 25.88 3.95 -19.65
C PHE C 82 26.52 2.72 -19.00
N LYS C 83 25.90 1.56 -19.13
CA LYS C 83 26.40 0.31 -18.49
C LYS C 83 27.73 -0.13 -19.10
N GLN C 84 27.91 0.08 -20.40
CA GLN C 84 29.13 -0.31 -21.13
C GLN C 84 30.32 0.56 -20.68
N SER C 85 30.08 1.67 -19.99
CA SER C 85 31.15 2.64 -19.66
C SER C 85 31.92 2.21 -18.42
N PHE C 86 31.43 1.22 -17.68
CA PHE C 86 32.07 0.79 -16.41
C PHE C 86 33.26 -0.10 -16.76
N PRO C 87 34.31 -0.16 -15.90
CA PRO C 87 34.30 0.43 -14.55
C PRO C 87 34.60 1.93 -14.36
N GLU C 88 34.97 2.64 -15.42
CA GLU C 88 35.41 4.05 -15.25
C GLU C 88 34.17 4.95 -15.12
N GLY C 89 33.07 4.60 -15.78
CA GLY C 89 31.81 5.34 -15.71
C GLY C 89 31.76 6.46 -16.72
N PHE C 90 30.94 7.47 -16.43
CA PHE C 90 30.67 8.56 -17.38
C PHE C 90 30.37 9.85 -16.61
N THR C 91 30.37 10.94 -17.36
CA THR C 91 30.00 12.29 -16.88
C THR C 91 28.77 12.73 -17.66
N TRP C 92 27.99 13.64 -17.11
CA TRP C 92 27.01 14.39 -17.91
C TRP C 92 26.99 15.85 -17.47
N GLU C 93 26.73 16.74 -18.41
CA GLU C 93 26.54 18.17 -18.19
C GLU C 93 25.19 18.56 -18.78
N ARG C 94 24.41 19.36 -18.09
CA ARG C 94 23.03 19.69 -18.49
C ARG C 94 22.82 21.19 -18.39
N VAL C 95 22.04 21.74 -19.31
CA VAL C 95 21.56 23.13 -19.19
C VAL C 95 20.05 23.08 -19.32
N THR C 96 19.36 23.72 -18.39
CA THR C 96 17.89 23.77 -18.31
C THR C 96 17.47 25.22 -18.50
N ARG C 97 16.43 25.46 -19.27
CA ARG C 97 15.74 26.76 -19.32
C ARG C 97 14.29 26.56 -18.92
N TYR C 98 13.80 27.42 -18.05
CA TYR C 98 12.37 27.52 -17.70
C TYR C 98 11.74 28.67 -18.44
N GLU C 99 10.43 28.58 -18.68
CA GLU C 99 9.66 29.60 -19.45
C GLU C 99 9.70 30.92 -18.67
N ASP C 100 9.54 30.81 -17.36
CA ASP C 100 9.43 31.95 -16.41
C ASP C 100 10.74 32.74 -16.34
N GLY C 101 11.85 32.14 -16.72
CA GLY C 101 13.14 32.84 -16.81
C GLY C 101 14.28 32.03 -16.22
N GLY C 102 13.99 31.07 -15.34
CA GLY C 102 15.01 30.31 -14.60
C GLY C 102 15.95 29.54 -15.53
N VAL C 103 17.25 29.55 -15.23
CA VAL C 103 18.28 28.77 -15.99
C VAL C 103 19.13 27.97 -15.00
N VAL C 104 19.29 26.68 -15.25
CA VAL C 104 20.12 25.79 -14.38
C VAL C 104 21.18 25.09 -15.25
N THR C 105 22.40 25.08 -14.76
CA THR C 105 23.53 24.27 -15.28
C THR C 105 23.81 23.17 -14.26
N VAL C 106 24.08 21.96 -14.73
CA VAL C 106 24.43 20.83 -13.84
C VAL C 106 25.57 20.05 -14.49
N THR C 107 26.54 19.65 -13.67
CA THR C 107 27.62 18.72 -14.08
C THR C 107 27.57 17.54 -13.13
N GLN C 108 27.74 16.35 -13.66
CA GLN C 108 27.70 15.09 -12.87
C GLN C 108 28.85 14.18 -13.24
N ASP C 109 29.46 13.58 -12.23
CA ASP C 109 30.45 12.49 -12.38
C ASP C 109 29.81 11.20 -11.84
N THR C 110 29.80 10.14 -12.66
CA THR C 110 29.34 8.80 -12.23
C THR C 110 30.51 7.83 -12.26
N SER C 111 30.78 7.22 -11.10
CA SER C 111 31.81 6.16 -10.97
C SER C 111 31.26 5.03 -10.11
N LEU C 112 32.09 4.00 -9.94
CA LEU C 112 31.75 2.76 -9.23
C LEU C 112 32.79 2.56 -8.13
N GLU C 113 32.36 2.41 -6.88
CA GLU C 113 33.29 2.26 -5.73
C GLU C 113 32.74 1.17 -4.80
N ASP C 114 33.45 0.04 -4.68
CA ASP C 114 33.02 -1.10 -3.82
C ASP C 114 31.66 -1.62 -4.30
N GLY C 115 31.47 -1.69 -5.63
CA GLY C 115 30.25 -2.21 -6.27
C GLY C 115 29.03 -1.31 -6.06
N GLU C 116 29.23 -0.06 -5.63
CA GLU C 116 28.13 0.92 -5.42
C GLU C 116 28.33 2.06 -6.40
N LEU C 117 27.27 2.49 -7.06
CA LEU C 117 27.40 3.60 -8.03
C LEU C 117 27.47 4.91 -7.24
N VAL C 118 28.47 5.73 -7.54
CA VAL C 118 28.74 6.99 -6.79
C VAL C 118 28.60 8.18 -7.76
N TYR C 119 27.73 9.12 -7.37
CA TYR C 119 27.35 10.32 -8.15
C TYR C 119 27.81 11.58 -7.41
N ASN C 120 28.42 12.46 -8.17
CA ASN C 120 28.75 13.84 -7.75
C ASN C 120 28.02 14.81 -8.68
N VAL C 121 27.22 15.68 -8.09
CA VAL C 121 26.43 16.70 -8.81
C VAL C 121 26.85 18.07 -8.28
N LYS C 122 27.07 18.99 -9.22
CA LYS C 122 27.18 20.44 -8.93
C LYS C 122 26.07 21.14 -9.71
N VAL C 123 25.30 21.97 -9.01
CA VAL C 123 24.11 22.64 -9.59
C VAL C 123 24.30 24.14 -9.47
N ARG C 124 23.94 24.86 -10.52
CA ARG C 124 23.96 26.33 -10.49
C ARG C 124 22.68 26.83 -11.17
N GLY C 125 21.77 27.39 -10.39
CA GLY C 125 20.56 28.06 -10.91
C GLY C 125 20.64 29.55 -10.72
N VAL C 126 20.08 30.28 -11.69
CA VAL C 126 19.97 31.77 -11.66
C VAL C 126 18.62 32.20 -12.25
N ASN C 127 18.17 33.41 -11.92
CA ASN C 127 17.08 34.13 -12.65
C ASN C 127 15.72 33.49 -12.43
N PHE C 128 15.51 32.78 -11.34
CA PHE C 128 14.15 32.34 -10.99
C PHE C 128 13.41 33.55 -10.46
N PRO C 129 12.20 33.89 -10.99
CA PRO C 129 11.47 35.07 -10.52
C PRO C 129 11.03 34.90 -9.06
N SER C 130 11.23 35.91 -8.23
CA SER C 130 11.07 35.83 -6.76
C SER C 130 9.66 35.36 -6.40
N ASN C 131 8.65 35.83 -7.15
CA ASN C 131 7.23 35.57 -6.83
C ASN C 131 6.65 34.55 -7.81
N GLY C 132 7.48 33.92 -8.63
CA GLY C 132 7.06 32.80 -9.49
C GLY C 132 6.92 31.48 -8.72
N PRO C 133 6.27 30.45 -9.31
CA PRO C 133 6.00 29.20 -8.60
C PRO C 133 7.19 28.46 -7.97
N VAL C 134 8.39 28.57 -8.55
CA VAL C 134 9.58 27.82 -8.07
C VAL C 134 10.05 28.43 -6.74
N MET C 135 10.29 29.75 -6.71
CA MET C 135 10.74 30.44 -5.46
C MET C 135 9.62 30.43 -4.42
N GLN C 136 8.35 30.31 -4.85
CA GLN C 136 7.19 30.32 -3.94
C GLN C 136 6.86 28.89 -3.48
N LYS C 137 7.59 27.89 -3.99
CA LYS C 137 7.40 26.45 -3.66
C LYS C 137 5.94 26.06 -3.92
N LYS C 138 5.47 26.33 -5.14
CA LYS C 138 4.06 26.13 -5.55
C LYS C 138 4.01 25.11 -6.70
N THR C 139 4.90 24.13 -6.70
CA THR C 139 4.98 23.12 -7.78
C THR C 139 4.61 21.74 -7.21
N LYS C 140 4.15 20.85 -8.07
CA LYS C 140 3.54 19.56 -7.67
C LYS C 140 4.19 18.42 -8.46
N GLY C 141 5.47 18.56 -8.82
CA GLY C 141 6.25 17.50 -9.46
C GLY C 141 6.16 17.52 -10.98
N TRP C 142 6.85 16.57 -11.60
CA TRP C 142 7.07 16.53 -13.07
C TRP C 142 6.05 15.62 -13.75
N GLU C 143 5.62 16.02 -14.94
CA GLU C 143 4.77 15.16 -15.78
C GLU C 143 5.72 14.20 -16.49
N PRO C 144 5.34 12.93 -16.72
CA PRO C 144 6.21 12.00 -17.43
C PRO C 144 6.66 12.61 -18.76
N ASN C 145 7.87 12.29 -19.18
CA ASN C 145 8.48 12.90 -20.38
C ASN C 145 9.29 11.85 -21.14
N THR C 146 9.54 12.14 -22.41
CA THR C 146 10.37 11.30 -23.31
C THR C 146 11.54 12.15 -23.77
N GLU C 147 12.74 11.59 -23.61
CA GLU C 147 14.01 12.22 -24.01
C GLU C 147 14.46 11.62 -25.33
N MET C 148 14.90 12.46 -26.27
CA MET C 148 15.53 12.01 -27.53
C MET C 148 17.03 11.90 -27.29
N MET C 149 17.61 10.75 -27.64
CA MET C 149 19.05 10.50 -27.51
C MET C 149 19.67 10.38 -28.90
N TYR C 150 20.68 11.19 -29.17
CA TYR C 150 21.39 11.27 -30.46
C TYR C 150 22.86 10.98 -30.21
N PRO C 151 23.48 10.07 -31.01
CA PRO C 151 24.93 9.87 -30.95
C PRO C 151 25.66 11.20 -31.18
N ALA C 152 26.79 11.39 -30.50
CA ALA C 152 27.59 12.63 -30.59
C ALA C 152 29.01 12.36 -30.07
N ASP C 153 29.90 11.98 -30.98
CA ASP C 153 31.38 12.09 -30.85
C ASP C 153 31.87 11.33 -29.61
N GLY C 154 31.61 10.02 -29.56
CA GLY C 154 32.03 9.18 -28.42
C GLY C 154 31.04 9.27 -27.27
N GLY C 155 29.90 9.90 -27.49
CA GLY C 155 28.92 10.13 -26.42
C GLY C 155 27.51 10.29 -26.94
N LEU C 156 26.64 10.77 -26.08
CA LEU C 156 25.21 10.98 -26.40
C LEU C 156 24.87 12.43 -26.12
N ARG C 157 23.87 12.89 -26.87
CA ARG C 157 23.20 14.17 -26.62
C ARG C 157 21.71 13.89 -26.42
N GLY C 158 21.20 14.24 -25.24
CA GLY C 158 19.79 14.05 -24.88
C GLY C 158 19.03 15.36 -24.94
N TYR C 159 17.80 15.31 -25.41
CA TYR C 159 16.93 16.49 -25.55
C TYR C 159 15.59 16.15 -24.94
N THR C 160 15.15 16.98 -23.99
CA THR C 160 13.86 16.76 -23.31
C THR C 160 13.08 18.06 -23.18
N ASP C 161 11.78 17.94 -23.39
CA ASP C 161 10.76 18.95 -23.01
C ASP C 161 10.04 18.37 -21.81
N ILE C 162 10.12 19.00 -20.64
CA ILE C 162 9.31 18.53 -19.48
C ILE C 162 8.35 19.63 -19.05
N ALA C 163 7.22 19.21 -18.48
CA ALA C 163 6.27 20.08 -17.77
C ALA C 163 6.32 19.83 -16.26
N LEU C 164 6.54 20.91 -15.51
CA LEU C 164 6.46 20.96 -14.03
C LEU C 164 5.03 21.39 -13.67
N LYS C 165 4.34 20.58 -12.87
CA LYS C 165 2.97 20.87 -12.38
C LYS C 165 3.02 22.04 -11.41
N VAL C 166 2.15 23.02 -11.60
CA VAL C 166 1.98 24.18 -10.69
C VAL C 166 0.69 23.99 -9.89
N ASP C 167 0.75 24.28 -8.58
CA ASP C 167 -0.29 23.96 -7.57
C ASP C 167 -1.74 24.03 -8.08
N GLY C 168 -2.21 25.15 -8.65
CA GLY C 168 -3.62 25.32 -9.02
C GLY C 168 -3.87 25.19 -10.52
N GLY C 169 -3.63 24.01 -11.09
CA GLY C 169 -3.71 23.80 -12.54
C GLY C 169 -2.51 24.43 -13.24
N GLY C 170 -2.29 24.06 -14.50
CA GLY C 170 -1.25 24.67 -15.31
C GLY C 170 0.11 24.05 -15.09
N HIS C 171 0.97 24.30 -16.06
CA HIS C 171 2.31 23.68 -16.20
C HIS C 171 3.35 24.77 -16.42
N LEU C 172 4.51 24.61 -15.81
CA LEU C 172 5.69 25.42 -16.14
C LEU C 172 6.56 24.57 -17.07
N HIS C 173 6.75 25.04 -18.30
CA HIS C 173 7.49 24.25 -19.31
C HIS C 173 8.97 24.58 -19.18
N CYS C 174 9.80 23.54 -19.26
CA CYS C 174 11.25 23.72 -19.27
C CYS C 174 11.86 22.70 -20.22
N ASN C 175 13.03 23.05 -20.73
CA ASN C 175 13.75 22.19 -21.70
C ASN C 175 15.17 22.03 -21.21
N PHE C 176 15.67 20.79 -21.22
CA PHE C 176 17.12 20.51 -21.01
C PHE C 176 17.73 19.81 -22.23
N VAL C 177 19.02 20.08 -22.34
CA VAL C 177 19.99 19.49 -23.29
C VAL C 177 21.08 18.87 -22.43
N THR C 178 21.37 17.60 -22.63
CA THR C 178 22.37 16.91 -21.79
C THR C 178 23.41 16.28 -22.71
N THR C 179 24.68 16.44 -22.37
CA THR C 179 25.76 15.74 -23.10
C THR C 179 26.35 14.70 -22.16
N TYR C 180 26.26 13.44 -22.55
CA TYR C 180 26.78 12.29 -21.78
C TYR C 180 28.07 11.83 -22.46
N ARG C 181 29.17 11.77 -21.69
N ARG C 181 29.17 11.78 -21.68
CA ARG C 181 30.49 11.33 -22.17
CA ARG C 181 30.51 11.36 -22.16
C ARG C 181 31.04 10.23 -21.28
C ARG C 181 31.04 10.23 -21.27
N SER C 182 31.59 9.20 -21.91
CA SER C 182 32.21 8.04 -21.25
C SER C 182 33.57 8.46 -20.70
N LYS C 183 33.93 7.95 -19.54
CA LYS C 183 35.29 8.13 -19.01
C LYS C 183 36.21 7.04 -19.57
N LYS C 184 35.63 6.05 -20.26
CA LYS C 184 36.39 4.96 -20.95
C LYS C 184 36.98 5.53 -22.24
N THR C 185 38.21 6.05 -22.14
CA THR C 185 38.87 6.88 -23.19
C THR C 185 39.51 5.93 -24.21
N VAL C 186 40.39 5.06 -23.76
CA VAL C 186 40.84 3.91 -24.58
C VAL C 186 39.93 2.73 -24.26
N GLY C 187 39.21 2.24 -25.28
CA GLY C 187 38.20 1.18 -25.10
C GLY C 187 37.51 0.77 -26.39
N ASN C 188 36.69 -0.26 -26.29
CA ASN C 188 35.87 -0.78 -27.40
C ASN C 188 34.43 -0.76 -26.91
N ILE C 189 33.69 0.30 -27.24
CA ILE C 189 32.29 0.49 -26.77
C ILE C 189 31.38 0.65 -27.98
N LYS C 190 30.31 -0.14 -28.01
CA LYS C 190 29.27 -0.13 -29.06
C LYS C 190 28.36 1.07 -28.82
N MET C 191 28.21 1.94 -29.82
CA MET C 191 27.42 3.19 -29.73
C MET C 191 25.99 2.92 -30.19
N PRO C 192 24.96 3.40 -29.47
CA PRO C 192 23.59 3.32 -29.97
C PRO C 192 23.36 4.36 -31.06
N GLY C 193 22.35 4.09 -31.90
CA GLY C 193 21.80 5.05 -32.87
C GLY C 193 20.85 5.99 -32.17
N VAL C 194 20.04 6.73 -32.92
CA VAL C 194 18.99 7.57 -32.30
C VAL C 194 18.04 6.65 -31.54
N HIS C 195 17.62 7.05 -30.36
CA HIS C 195 16.57 6.33 -29.60
C HIS C 195 15.89 7.30 -28.67
N ALA C 196 14.79 6.86 -28.08
CA ALA C 196 14.00 7.62 -27.07
C ALA C 196 14.04 6.90 -25.72
N VAL C 197 13.92 7.69 -24.66
CA VAL C 197 13.81 7.16 -23.27
C VAL C 197 12.58 7.80 -22.64
N ASP C 198 11.63 6.96 -22.22
CA ASP C 198 10.47 7.37 -21.38
C ASP C 198 10.95 7.44 -19.93
N HIS C 199 10.70 8.57 -19.28
CA HIS C 199 11.02 8.82 -17.86
C HIS C 199 9.74 9.07 -17.07
N ARG C 200 9.57 8.40 -15.95
CA ARG C 200 8.51 8.73 -14.99
C ARG C 200 9.15 8.95 -13.63
N LEU C 201 9.10 10.17 -13.14
CA LEU C 201 9.70 10.55 -11.85
C LEU C 201 8.54 10.91 -10.92
N GLU C 202 8.41 10.21 -9.81
CA GLU C 202 7.31 10.46 -8.85
C GLU C 202 7.87 10.59 -7.43
N ARG C 203 7.36 11.56 -6.66
CA ARG C 203 7.72 11.71 -5.23
C ARG C 203 6.84 10.78 -4.41
N ILE C 204 7.42 9.92 -3.59
CA ILE C 204 6.66 8.91 -2.81
C ILE C 204 6.64 9.31 -1.32
N GLU C 205 7.46 10.30 -0.94
CA GLU C 205 7.57 10.73 0.47
C GLU C 205 8.24 12.11 0.55
N GLU C 206 7.87 12.85 1.59
CA GLU C 206 8.24 14.25 1.90
C GLU C 206 8.25 14.39 3.42
N SER C 207 9.16 15.17 4.00
CA SER C 207 9.22 15.39 5.46
C SER C 207 9.98 16.66 5.83
N ASP C 208 9.42 17.44 6.77
CA ASP C 208 10.06 18.58 7.47
C ASP C 208 10.52 19.64 6.47
N ASN C 209 9.57 20.29 5.81
CA ASN C 209 9.83 21.41 4.87
C ASN C 209 10.72 20.91 3.72
N GLU C 210 10.52 19.67 3.26
CA GLU C 210 11.24 19.05 2.11
C GLU C 210 12.72 18.84 2.43
N THR C 211 13.12 18.72 3.71
CA THR C 211 14.52 18.43 4.07
C THR C 211 14.81 16.93 3.91
N TYR C 212 13.75 16.13 3.82
CA TYR C 212 13.85 14.70 3.44
C TYR C 212 12.83 14.40 2.35
N VAL C 213 13.33 13.80 1.27
CA VAL C 213 12.52 13.41 0.10
C VAL C 213 12.92 11.98 -0.30
N VAL C 214 11.92 11.18 -0.67
CA VAL C 214 12.09 9.89 -1.37
C VAL C 214 11.38 10.01 -2.72
N GLN C 215 12.08 9.66 -3.80
CA GLN C 215 11.50 9.73 -5.15
C GLN C 215 11.83 8.45 -5.92
N ARG C 216 10.95 8.09 -6.84
CA ARG C 216 11.03 6.84 -7.60
C ARG C 216 11.00 7.18 -9.09
N GLU C 217 11.92 6.60 -9.85
CA GLU C 217 12.06 6.83 -11.31
C GLU C 217 11.96 5.50 -12.07
N VAL C 218 11.11 5.45 -13.09
CA VAL C 218 11.16 4.35 -14.08
C VAL C 218 11.55 4.92 -15.45
N ALA C 219 12.59 4.36 -16.04
CA ALA C 219 13.15 4.82 -17.32
C ALA C 219 13.33 3.63 -18.25
N VAL C 220 12.77 3.72 -19.45
CA VAL C 220 12.80 2.64 -20.46
C VAL C 220 13.18 3.22 -21.82
N ALA C 221 14.27 2.71 -22.40
CA ALA C 221 14.70 3.02 -23.78
C ALA C 221 13.83 2.29 -24.80
N LYS C 222 13.54 2.96 -25.93
CA LYS C 222 12.79 2.38 -27.06
C LYS C 222 13.27 2.99 -28.38
N TYR C 223 12.84 2.54 -29.55
CA TYR C 223 13.39 3.19 -30.77
C TYR C 223 12.88 4.62 -30.88
N GLY D 5 -29.80 22.68 -0.06
CA GLY D 5 -29.37 21.94 1.16
C GLY D 5 -28.11 21.14 0.92
N GLU D 6 -27.22 21.10 1.92
CA GLU D 6 -25.98 20.29 1.89
C GLU D 6 -26.12 19.18 2.94
N GLU D 7 -27.28 19.06 3.55
CA GLU D 7 -27.43 18.19 4.74
C GLU D 7 -27.87 16.80 4.30
N LEU D 8 -28.14 16.63 3.01
CA LEU D 8 -28.61 15.33 2.44
C LEU D 8 -27.41 14.47 2.10
N ILE D 9 -26.25 15.10 1.85
CA ILE D 9 -24.98 14.39 1.56
C ILE D 9 -24.25 14.19 2.88
N LYS D 10 -24.28 12.97 3.39
CA LYS D 10 -23.67 12.63 4.70
C LYS D 10 -22.20 12.23 4.50
N GLU D 11 -21.50 12.01 5.61
CA GLU D 11 -20.08 11.62 5.67
C GLU D 11 -19.83 10.38 4.81
N ASN D 12 -20.82 9.49 4.71
CA ASN D 12 -20.75 8.26 3.89
C ASN D 12 -21.93 8.26 2.94
N MET D 13 -21.66 8.05 1.66
CA MET D 13 -22.75 7.98 0.65
C MET D 13 -22.48 6.79 -0.25
N ARG D 14 -23.53 6.08 -0.62
CA ARG D 14 -23.43 5.07 -1.68
C ARG D 14 -23.90 5.68 -3.01
N MET D 15 -23.47 5.07 -4.10
CA MET D 15 -23.91 5.45 -5.46
C MET D 15 -24.27 4.17 -6.21
N LYS D 16 -25.20 4.28 -7.15
CA LYS D 16 -25.54 3.24 -8.14
C LYS D 16 -25.56 3.91 -9.50
N VAL D 17 -25.13 3.21 -10.54
CA VAL D 17 -25.08 3.77 -11.92
C VAL D 17 -25.55 2.71 -12.90
N VAL D 18 -26.34 3.14 -13.88
CA VAL D 18 -26.64 2.38 -15.11
C VAL D 18 -26.12 3.21 -16.30
N MET D 19 -25.45 2.52 -17.20
CA MET D 19 -24.80 3.07 -18.41
C MET D 19 -25.26 2.26 -19.61
N GLU D 20 -25.69 2.97 -20.64
CA GLU D 20 -25.94 2.38 -21.97
C GLU D 20 -25.22 3.23 -23.00
N GLY D 21 -24.75 2.59 -24.06
CA GLY D 21 -24.23 3.33 -25.20
C GLY D 21 -23.58 2.45 -26.24
N SER D 22 -22.83 3.10 -27.12
CA SER D 22 -22.18 2.48 -28.28
C SER D 22 -20.83 3.16 -28.48
N VAL D 23 -19.83 2.39 -28.85
CA VAL D 23 -18.54 2.93 -29.34
C VAL D 23 -18.21 2.22 -30.64
N ASN D 24 -18.04 2.99 -31.73
CA ASN D 24 -17.78 2.44 -33.07
C ASN D 24 -18.86 1.43 -33.40
N GLY D 25 -20.08 1.66 -32.92
CA GLY D 25 -21.26 0.86 -33.26
C GLY D 25 -21.34 -0.41 -32.45
N HIS D 26 -20.43 -0.62 -31.50
CA HIS D 26 -20.57 -1.74 -30.53
C HIS D 26 -21.45 -1.29 -29.36
N GLN D 27 -22.54 -2.00 -29.11
CA GLN D 27 -23.50 -1.63 -28.04
C GLN D 27 -23.21 -2.41 -26.76
N PHE D 28 -23.47 -1.77 -25.63
CA PHE D 28 -23.18 -2.34 -24.29
C PHE D 28 -24.07 -1.67 -23.26
N LYS D 29 -24.22 -2.37 -22.14
CA LYS D 29 -24.85 -1.85 -20.93
C LYS D 29 -23.98 -2.19 -19.73
N CYS D 30 -23.78 -1.23 -18.84
CA CYS D 30 -23.05 -1.43 -17.56
C CYS D 30 -23.91 -1.04 -16.37
N THR D 31 -23.61 -1.67 -15.23
CA THR D 31 -24.13 -1.25 -13.92
C THR D 31 -22.94 -1.09 -12.97
N GLY D 32 -23.10 -0.21 -12.00
CA GLY D 32 -22.06 0.00 -10.99
C GLY D 32 -22.68 0.32 -9.66
N GLU D 33 -21.90 0.03 -8.64
CA GLU D 33 -22.24 0.24 -7.22
C GLU D 33 -20.94 0.65 -6.54
N GLY D 34 -21.01 1.68 -5.73
CA GLY D 34 -19.83 2.17 -5.00
C GLY D 34 -20.22 2.99 -3.80
N GLU D 35 -19.21 3.48 -3.08
CA GLU D 35 -19.43 4.44 -2.00
C GLU D 35 -18.24 5.38 -1.95
N GLY D 36 -18.42 6.50 -1.26
CA GLY D 36 -17.32 7.43 -0.99
C GLY D 36 -17.56 8.24 0.25
N ARG D 37 -16.58 9.09 0.52
CA ARG D 37 -16.60 10.09 1.59
C ARG D 37 -16.56 11.45 0.90
N PRO D 38 -17.73 12.04 0.59
CA PRO D 38 -17.80 13.18 -0.31
C PRO D 38 -17.00 14.41 0.15
N TYR D 39 -16.84 14.56 1.46
CA TYR D 39 -16.14 15.70 2.08
C TYR D 39 -14.64 15.43 2.17
N GLU D 40 -14.23 14.20 1.93
CA GLU D 40 -12.82 13.78 1.86
C GLU D 40 -12.37 13.76 0.40
N GLY D 41 -13.35 13.72 -0.51
CA GLY D 41 -13.13 13.68 -1.97
C GLY D 41 -12.60 12.34 -2.42
N VAL D 42 -13.00 11.28 -1.74
CA VAL D 42 -12.55 9.90 -2.06
C VAL D 42 -13.78 9.05 -2.34
N GLN D 43 -13.67 8.15 -3.31
CA GLN D 43 -14.80 7.30 -3.74
C GLN D 43 -14.27 6.12 -4.54
N THR D 44 -15.05 5.04 -4.57
CA THR D 44 -14.72 3.77 -5.26
C THR D 44 -16.00 3.29 -5.94
N MET D 45 -15.88 2.66 -7.10
CA MET D 45 -17.04 2.09 -7.83
C MET D 45 -16.68 0.73 -8.41
N ARG D 46 -17.56 -0.26 -8.19
CA ARG D 46 -17.42 -1.61 -8.80
C ARG D 46 -18.38 -1.67 -9.97
N ILE D 47 -17.84 -1.89 -11.16
CA ILE D 47 -18.60 -1.76 -12.41
C ILE D 47 -18.63 -3.12 -13.10
N LYS D 48 -19.83 -3.57 -13.46
CA LYS D 48 -20.06 -4.81 -14.24
C LYS D 48 -20.51 -4.43 -15.65
N VAL D 49 -19.85 -4.98 -16.66
CA VAL D 49 -20.40 -4.93 -18.04
C VAL D 49 -21.40 -6.07 -18.15
N ILE D 50 -22.68 -5.78 -18.38
CA ILE D 50 -23.73 -6.83 -18.29
C ILE D 50 -24.23 -7.21 -19.68
N GLU D 51 -24.08 -6.32 -20.65
CA GLU D 51 -24.41 -6.61 -22.07
C GLU D 51 -23.31 -6.05 -22.96
N GLY D 52 -22.89 -6.85 -23.93
CA GLY D 52 -21.90 -6.47 -24.95
C GLY D 52 -20.47 -6.76 -24.53
N GLY D 53 -20.26 -7.34 -23.35
CA GLY D 53 -18.91 -7.63 -22.86
C GLY D 53 -18.50 -9.02 -23.31
N PRO D 54 -17.19 -9.31 -23.52
CA PRO D 54 -16.11 -8.33 -23.37
C PRO D 54 -16.07 -7.24 -24.45
N LEU D 55 -15.83 -6.00 -24.03
CA LEU D 55 -15.84 -4.81 -24.92
C LEU D 55 -14.67 -4.90 -25.90
N PRO D 56 -14.90 -4.54 -27.18
CA PRO D 56 -13.81 -4.51 -28.17
C PRO D 56 -12.93 -3.26 -28.15
N PHE D 57 -13.03 -2.45 -27.09
CA PHE D 57 -12.27 -1.19 -26.92
C PHE D 57 -11.81 -1.07 -25.47
N ALA D 58 -10.89 -0.12 -25.21
CA ALA D 58 -10.31 0.16 -23.89
C ALA D 58 -11.41 0.63 -22.93
N PHE D 59 -11.55 -0.02 -21.78
CA PHE D 59 -12.58 0.36 -20.80
C PHE D 59 -12.32 1.80 -20.34
N ASP D 60 -11.06 2.23 -20.46
CA ASP D 60 -10.59 3.55 -19.97
C ASP D 60 -11.42 4.70 -20.55
N ILE D 61 -11.98 4.56 -21.75
CA ILE D 61 -12.75 5.66 -22.36
C ILE D 61 -14.13 5.78 -21.70
N LEU D 62 -14.55 4.79 -20.91
CA LEU D 62 -15.81 4.88 -20.15
C LEU D 62 -15.55 5.35 -18.72
N ALA D 63 -14.29 5.22 -18.26
CA ALA D 63 -13.90 5.31 -16.83
C ALA D 63 -14.35 6.63 -16.24
N THR D 64 -14.23 7.71 -17.01
CA THR D 64 -14.48 9.09 -16.54
C THR D 64 -15.97 9.44 -16.59
N SER D 65 -16.82 8.53 -17.08
CA SER D 65 -18.27 8.76 -17.25
C SER D 65 -19.05 8.23 -16.03
N PHE D 66 -18.42 7.35 -15.26
CA PHE D 66 -19.07 6.66 -14.11
C PHE D 66 -19.11 7.58 -12.88
N1 NRQ D 67 -18.23 8.55 -12.37
CE NRQ D 67 -15.87 5.71 -9.23
SD NRQ D 67 -14.74 6.74 -10.07
CG1 NRQ D 67 -15.77 8.02 -10.69
CB1 NRQ D 67 -16.04 7.73 -12.16
CA1 NRQ D 67 -17.01 8.80 -12.52
C1 NRQ D 67 -16.44 10.08 -13.01
N2 NRQ D 67 -15.09 10.28 -13.07
OH NRQ D 67 -12.07 16.80 -16.13
CD2 NRQ D 67 -11.97 13.55 -14.51
CE2 NRQ D 67 -11.56 14.73 -15.08
CZ NRQ D 67 -12.48 15.63 -15.58
CE1 NRQ D 67 -13.83 15.35 -15.51
CD1 NRQ D 67 -14.24 14.15 -14.94
CG2 NRQ D 67 -13.32 13.24 -14.43
CB2 NRQ D 67 -13.68 11.96 -13.76
CA2 NRQ D 67 -14.92 11.51 -13.53
C2 NRQ D 67 -16.25 12.06 -13.77
O2 NRQ D 67 -16.54 13.23 -14.22
N3 NRQ D 67 -17.15 11.18 -13.42
CA3 NRQ D 67 -18.62 11.42 -13.57
C3 NRQ D 67 -19.46 11.32 -12.32
O3 NRQ D 67 -20.66 11.67 -12.34
N SER D 68 -18.80 11.61 -11.15
CA SER D 68 -19.39 11.44 -9.81
C SER D 68 -18.99 12.64 -8.96
N ARG D 69 -19.66 13.76 -9.23
CA ARG D 69 -19.16 15.12 -8.92
C ARG D 69 -19.50 15.50 -7.49
N THR D 70 -20.37 14.73 -6.84
CA THR D 70 -20.81 14.97 -5.46
C THR D 70 -19.64 14.69 -4.51
N PHE D 71 -18.68 13.86 -4.93
CA PHE D 71 -17.53 13.47 -4.10
C PHE D 71 -16.31 14.29 -4.48
N ILE D 72 -16.42 15.62 -4.37
CA ILE D 72 -15.24 16.51 -4.53
C ILE D 72 -15.04 17.23 -3.20
N LYS D 73 -13.82 17.16 -2.67
CA LYS D 73 -13.41 17.90 -1.45
C LYS D 73 -13.28 19.38 -1.81
N TYR D 74 -14.15 20.21 -1.22
CA TYR D 74 -14.14 21.66 -1.44
C TYR D 74 -13.67 22.32 -0.15
N PRO D 75 -12.72 23.27 -0.22
CA PRO D 75 -12.34 24.04 0.96
C PRO D 75 -13.56 24.89 1.36
N ALA D 76 -13.60 25.35 2.62
CA ALA D 76 -14.83 25.92 3.24
C ALA D 76 -15.33 27.12 2.43
N ASP D 77 -14.40 27.80 1.75
CA ASP D 77 -14.57 29.16 1.20
C ASP D 77 -14.69 29.11 -0.34
N ILE D 78 -14.79 27.92 -0.93
CA ILE D 78 -15.17 27.74 -2.36
C ILE D 78 -16.50 27.01 -2.37
N PRO D 79 -17.61 27.70 -2.74
CA PRO D 79 -18.95 27.11 -2.73
C PRO D 79 -19.03 25.83 -3.55
N ASP D 80 -19.80 24.87 -3.06
CA ASP D 80 -19.86 23.50 -3.62
C ASP D 80 -21.13 23.38 -4.46
N PHE D 81 -21.04 23.64 -5.76
CA PHE D 81 -22.20 23.64 -6.68
C PHE D 81 -22.94 22.30 -6.59
N PHE D 82 -22.20 21.20 -6.55
CA PHE D 82 -22.76 19.83 -6.70
C PHE D 82 -23.54 19.44 -5.45
N LYS D 83 -22.96 19.62 -4.26
CA LYS D 83 -23.66 19.23 -3.01
C LYS D 83 -24.87 20.12 -2.75
N GLN D 84 -24.79 21.40 -3.09
CA GLN D 84 -25.91 22.36 -2.89
C GLN D 84 -27.09 22.03 -3.82
N SER D 85 -26.91 21.17 -4.82
CA SER D 85 -27.95 20.86 -5.84
C SER D 85 -29.04 19.94 -5.28
N PHE D 86 -28.81 19.30 -4.14
CA PHE D 86 -29.70 18.23 -3.66
C PHE D 86 -30.87 18.88 -2.93
N PRO D 87 -32.07 18.25 -2.86
CA PRO D 87 -32.27 16.86 -3.30
C PRO D 87 -32.53 16.56 -4.78
N GLU D 88 -32.64 17.60 -5.60
CA GLU D 88 -33.05 17.45 -7.03
C GLU D 88 -31.86 16.94 -7.85
N GLY D 89 -30.64 17.36 -7.49
CA GLY D 89 -29.42 16.91 -8.17
C GLY D 89 -29.11 17.77 -9.39
N PHE D 90 -28.37 17.20 -10.32
CA PHE D 90 -27.84 17.92 -11.51
C PHE D 90 -27.67 16.94 -12.68
N THR D 91 -27.42 17.50 -13.85
CA THR D 91 -27.09 16.75 -15.09
C THR D 91 -25.69 17.16 -15.49
N TRP D 92 -24.99 16.35 -16.28
CA TRP D 92 -23.84 16.87 -17.03
C TRP D 92 -23.85 16.29 -18.44
N GLU D 93 -23.33 17.08 -19.38
CA GLU D 93 -23.19 16.77 -20.81
C GLU D 93 -21.72 16.95 -21.14
N ARG D 94 -21.12 16.00 -21.85
CA ARG D 94 -19.67 16.08 -22.13
C ARG D 94 -19.41 15.73 -23.60
N VAL D 95 -18.45 16.40 -24.19
CA VAL D 95 -17.85 15.93 -25.47
C VAL D 95 -16.35 15.79 -25.24
N THR D 96 -15.82 14.64 -25.60
CA THR D 96 -14.38 14.31 -25.54
C THR D 96 -13.87 14.18 -26.96
N ARG D 97 -12.71 14.72 -27.22
CA ARG D 97 -12.06 14.63 -28.53
C ARG D 97 -10.68 14.02 -28.32
N TYR D 98 -10.40 12.93 -29.00
CA TYR D 98 -9.05 12.32 -29.00
C TYR D 98 -8.27 12.83 -30.20
N GLU D 99 -6.96 12.89 -30.03
CA GLU D 99 -6.02 13.43 -31.04
C GLU D 99 -6.01 12.49 -32.25
N ASP D 100 -6.30 11.20 -32.07
CA ASP D 100 -6.21 10.21 -33.17
C ASP D 100 -7.57 10.05 -33.88
N GLY D 101 -8.59 10.80 -33.46
CA GLY D 101 -9.82 10.98 -34.26
C GLY D 101 -11.08 10.68 -33.48
N GLY D 102 -10.95 9.92 -32.39
CA GLY D 102 -12.11 9.46 -31.61
C GLY D 102 -12.87 10.60 -30.98
N VAL D 103 -14.21 10.53 -31.00
CA VAL D 103 -15.11 11.53 -30.38
C VAL D 103 -16.11 10.78 -29.50
N VAL D 104 -16.21 11.19 -28.24
CA VAL D 104 -17.19 10.58 -27.31
C VAL D 104 -18.08 11.69 -26.74
N THR D 105 -19.39 11.50 -26.83
CA THR D 105 -20.35 12.42 -26.19
C THR D 105 -21.09 11.62 -25.13
N VAL D 106 -21.33 12.27 -24.00
CA VAL D 106 -21.92 11.63 -22.82
C VAL D 106 -22.96 12.57 -22.21
N THR D 107 -24.09 12.02 -21.80
CA THR D 107 -25.08 12.71 -20.98
C THR D 107 -25.24 11.91 -19.69
N GLN D 108 -25.39 12.62 -18.57
CA GLN D 108 -25.56 12.00 -17.24
C GLN D 108 -26.66 12.75 -16.48
N ASP D 109 -27.51 11.99 -15.80
CA ASP D 109 -28.48 12.52 -14.81
C ASP D 109 -28.08 12.01 -13.42
N THR D 110 -27.94 12.93 -12.48
CA THR D 110 -27.64 12.61 -11.07
C THR D 110 -28.85 12.99 -10.22
N SER D 111 -29.39 12.02 -9.49
CA SER D 111 -30.40 12.30 -8.45
C SER D 111 -30.05 11.60 -7.15
N LEU D 112 -30.84 11.88 -6.13
CA LEU D 112 -30.76 11.26 -4.79
C LEU D 112 -32.09 10.59 -4.53
N GLU D 113 -32.11 9.29 -4.24
CA GLU D 113 -33.37 8.57 -3.95
C GLU D 113 -33.12 7.58 -2.81
N ASP D 114 -33.85 7.75 -1.71
CA ASP D 114 -33.70 6.90 -0.50
C ASP D 114 -32.26 6.95 0.02
N GLY D 115 -31.64 8.14 0.00
CA GLY D 115 -30.29 8.39 0.54
C GLY D 115 -29.19 7.75 -0.27
N GLU D 116 -29.48 7.32 -1.49
CA GLU D 116 -28.50 6.75 -2.44
C GLU D 116 -28.40 7.69 -3.63
N LEU D 117 -27.17 8.00 -4.05
CA LEU D 117 -26.97 8.74 -5.31
C LEU D 117 -27.22 7.79 -6.47
N VAL D 118 -28.07 8.21 -7.40
CA VAL D 118 -28.43 7.43 -8.61
C VAL D 118 -28.01 8.20 -9.86
N TYR D 119 -27.21 7.51 -10.68
CA TYR D 119 -26.64 8.00 -11.95
C TYR D 119 -27.22 7.20 -13.11
N ASN D 120 -27.64 7.93 -14.14
CA ASN D 120 -28.00 7.33 -15.45
C ASN D 120 -27.11 8.01 -16.50
N VAL D 121 -26.34 7.22 -17.22
CA VAL D 121 -25.41 7.70 -18.26
C VAL D 121 -25.75 7.05 -19.61
N LYS D 122 -25.64 7.85 -20.67
CA LYS D 122 -25.65 7.40 -22.07
C LYS D 122 -24.34 7.84 -22.71
N VAL D 123 -23.66 6.90 -23.38
CA VAL D 123 -22.36 7.18 -24.04
C VAL D 123 -22.50 6.90 -25.53
N ARG D 124 -21.93 7.78 -26.34
CA ARG D 124 -21.89 7.60 -27.81
C ARG D 124 -20.46 7.92 -28.27
N GLY D 125 -19.73 6.90 -28.71
CA GLY D 125 -18.38 7.07 -29.28
C GLY D 125 -18.39 6.73 -30.75
N VAL D 126 -17.63 7.50 -31.53
CA VAL D 126 -17.50 7.32 -33.01
C VAL D 126 -16.05 7.58 -33.41
N ASN D 127 -15.62 6.99 -34.52
CA ASN D 127 -14.44 7.45 -35.29
C ASN D 127 -13.14 7.13 -34.56
N PHE D 128 -13.12 6.10 -33.73
CA PHE D 128 -11.85 5.60 -33.20
C PHE D 128 -11.17 4.80 -34.32
N PRO D 129 -9.88 5.09 -34.65
CA PRO D 129 -9.14 4.30 -35.64
C PRO D 129 -9.00 2.84 -35.18
N SER D 130 -9.24 1.90 -36.10
CA SER D 130 -9.37 0.46 -35.77
C SER D 130 -8.05 -0.07 -35.17
N ASN D 131 -6.93 0.47 -35.63
CA ASN D 131 -5.58 0.02 -35.25
C ASN D 131 -4.97 0.98 -34.21
N GLY D 132 -5.74 1.95 -33.73
CA GLY D 132 -5.32 2.88 -32.66
C GLY D 132 -5.42 2.23 -31.29
N PRO D 133 -4.80 2.82 -30.25
CA PRO D 133 -4.66 2.16 -28.95
C PRO D 133 -5.98 1.82 -28.24
N VAL D 134 -7.04 2.59 -28.50
CA VAL D 134 -8.36 2.40 -27.82
C VAL D 134 -9.00 1.12 -28.38
N MET D 135 -9.15 1.00 -29.69
CA MET D 135 -9.78 -0.19 -30.30
C MET D 135 -8.88 -1.44 -30.12
N GLN D 136 -7.58 -1.23 -29.91
CA GLN D 136 -6.60 -2.33 -29.73
C GLN D 136 -6.48 -2.70 -28.25
N LYS D 137 -7.16 -1.97 -27.37
CA LYS D 137 -7.12 -2.16 -25.89
C LYS D 137 -5.67 -2.12 -25.43
N LYS D 138 -4.94 -1.06 -25.81
CA LYS D 138 -3.50 -0.89 -25.51
C LYS D 138 -3.30 0.38 -24.69
N THR D 139 -4.19 0.63 -23.73
CA THR D 139 -4.10 1.80 -22.82
C THR D 139 -3.84 1.29 -21.40
N LYS D 140 -3.19 2.12 -20.59
CA LYS D 140 -2.70 1.75 -19.23
C LYS D 140 -3.16 2.77 -18.19
N GLY D 141 -4.31 3.39 -18.40
CA GLY D 141 -4.92 4.29 -17.40
C GLY D 141 -4.67 5.76 -17.71
N TRP D 142 -5.30 6.63 -16.94
CA TRP D 142 -5.26 8.10 -17.10
C TRP D 142 -4.20 8.71 -16.20
N GLU D 143 -3.51 9.72 -16.72
CA GLU D 143 -2.58 10.56 -15.92
C GLU D 143 -3.41 11.45 -15.01
N PRO D 144 -2.95 11.75 -13.77
CA PRO D 144 -3.63 12.75 -12.95
C PRO D 144 -3.77 14.04 -13.75
N ASN D 145 -4.88 14.74 -13.53
CA ASN D 145 -5.28 15.86 -14.40
C ASN D 145 -5.99 16.90 -13.54
N THR D 146 -6.00 18.12 -14.03
CA THR D 146 -6.66 19.27 -13.40
C THR D 146 -7.72 19.77 -14.37
N GLU D 147 -8.94 19.91 -13.87
CA GLU D 147 -10.09 20.47 -14.61
C GLU D 147 -10.25 21.93 -14.19
N MET D 148 -10.39 22.83 -15.15
CA MET D 148 -10.71 24.25 -14.92
C MET D 148 -12.23 24.39 -14.89
N MET D 149 -12.76 25.03 -13.86
CA MET D 149 -14.22 25.20 -13.67
C MET D 149 -14.55 26.68 -13.79
N TYR D 150 -15.49 27.01 -14.67
CA TYR D 150 -15.95 28.39 -14.91
C TYR D 150 -17.44 28.47 -14.66
N PRO D 151 -17.92 29.47 -13.90
CA PRO D 151 -19.36 29.71 -13.78
C PRO D 151 -19.98 30.02 -15.15
N ALA D 152 -21.21 29.56 -15.37
CA ALA D 152 -22.03 29.99 -16.53
C ALA D 152 -23.49 29.65 -16.26
N ASP D 153 -24.27 30.67 -15.88
CA ASP D 153 -25.76 30.68 -15.83
C ASP D 153 -26.27 29.42 -15.12
N GLY D 154 -26.38 29.50 -13.79
CA GLY D 154 -26.88 28.39 -12.95
C GLY D 154 -26.11 27.11 -13.17
N GLY D 155 -24.90 27.21 -13.73
CA GLY D 155 -24.13 26.01 -14.09
C GLY D 155 -22.64 26.22 -14.04
N LEU D 156 -21.91 25.11 -14.20
CA LEU D 156 -20.45 25.13 -14.35
C LEU D 156 -20.04 24.58 -15.71
N ARG D 157 -18.94 25.11 -16.18
CA ARG D 157 -18.23 24.66 -17.39
C ARG D 157 -16.92 24.08 -16.90
N GLY D 158 -16.61 22.85 -17.30
CA GLY D 158 -15.30 22.25 -17.03
C GLY D 158 -14.51 22.13 -18.30
N TYR D 159 -13.21 22.36 -18.19
CA TYR D 159 -12.25 22.17 -19.29
C TYR D 159 -11.12 21.30 -18.79
N THR D 160 -10.81 20.24 -19.53
CA THR D 160 -9.74 19.31 -19.14
C THR D 160 -8.92 18.92 -20.34
N ASP D 161 -7.61 18.88 -20.14
CA ASP D 161 -6.64 18.23 -21.05
C ASP D 161 -6.16 17.00 -20.32
N ILE D 162 -6.47 15.81 -20.83
CA ILE D 162 -6.06 14.57 -20.12
C ILE D 162 -5.23 13.69 -21.05
N ALA D 163 -4.32 12.94 -20.45
CA ALA D 163 -3.41 12.01 -21.16
C ALA D 163 -3.73 10.58 -20.74
N LEU D 164 -4.02 9.76 -21.75
CA LEU D 164 -4.26 8.32 -21.64
C LEU D 164 -2.92 7.62 -21.89
N LYS D 165 -2.47 6.83 -20.92
CA LYS D 165 -1.18 6.08 -20.98
C LYS D 165 -1.33 4.98 -22.02
N VAL D 166 -0.35 4.85 -22.91
CA VAL D 166 -0.34 3.85 -24.01
C VAL D 166 0.63 2.75 -23.64
N ASP D 167 0.19 1.49 -23.77
CA ASP D 167 1.02 0.29 -23.56
C ASP D 167 2.25 0.41 -24.48
N GLY D 168 3.45 0.38 -23.90
CA GLY D 168 4.71 0.68 -24.61
C GLY D 168 5.30 2.00 -24.18
N GLY D 169 4.58 2.77 -23.35
CA GLY D 169 4.98 4.14 -23.01
C GLY D 169 4.62 5.11 -24.13
N GLY D 170 4.41 6.37 -23.78
CA GLY D 170 3.71 7.32 -24.66
C GLY D 170 2.33 7.61 -24.13
N HIS D 171 1.73 8.69 -24.62
CA HIS D 171 0.43 9.23 -24.15
C HIS D 171 -0.45 9.51 -25.37
N LEU D 172 -1.73 9.20 -25.26
CA LEU D 172 -2.76 9.65 -26.23
C LEU D 172 -3.47 10.82 -25.57
N HIS D 173 -3.39 12.00 -26.18
N HIS D 173 -3.38 12.02 -26.16
CA HIS D 173 -4.01 13.21 -25.59
CA HIS D 173 -3.97 13.26 -25.59
C HIS D 173 -5.47 13.30 -26.03
C HIS D 173 -5.42 13.38 -26.02
N CYS D 174 -6.30 13.70 -25.08
CA CYS D 174 -7.71 14.02 -25.36
C CYS D 174 -8.12 15.19 -24.50
N ASN D 175 -9.14 15.88 -24.97
CA ASN D 175 -9.63 17.14 -24.39
C ASN D 175 -11.10 16.91 -24.15
N PHE D 176 -11.62 17.33 -23.01
CA PHE D 176 -13.08 17.34 -22.94
C PHE D 176 -13.58 18.56 -22.18
N VAL D 177 -14.79 18.91 -22.57
CA VAL D 177 -15.55 20.09 -22.10
C VAL D 177 -16.86 19.55 -21.56
N THR D 178 -17.19 19.99 -20.36
CA THR D 178 -18.37 19.48 -19.66
C THR D 178 -19.22 20.68 -19.26
N THR D 179 -20.52 20.57 -19.44
CA THR D 179 -21.45 21.55 -18.83
C THR D 179 -22.21 20.80 -17.74
N TYR D 180 -22.07 21.26 -16.51
CA TYR D 180 -22.82 20.78 -15.33
C TYR D 180 -23.97 21.75 -15.06
N ARG D 181 -25.21 21.25 -15.03
CA ARG D 181 -26.41 22.10 -14.81
C ARG D 181 -27.22 21.52 -13.64
N SER D 182 -27.62 22.41 -12.76
CA SER D 182 -28.45 22.13 -11.56
C SER D 182 -29.87 21.78 -12.00
N LYS D 183 -30.51 20.81 -11.34
CA LYS D 183 -31.98 20.63 -11.46
C LYS D 183 -32.68 21.52 -10.42
N LYS D 184 -31.90 22.09 -9.51
CA LYS D 184 -32.32 22.95 -8.37
C LYS D 184 -32.49 24.39 -8.87
N ASN D 188 -32.10 29.39 -4.27
CA ASN D 188 -31.25 28.68 -5.29
C ASN D 188 -29.92 28.13 -4.74
N ILE D 189 -28.82 28.33 -5.51
CA ILE D 189 -27.43 27.78 -5.40
C ILE D 189 -26.42 28.94 -5.32
N LYS D 190 -25.58 28.95 -4.29
CA LYS D 190 -24.44 29.89 -4.16
C LYS D 190 -23.37 29.42 -5.15
N MET D 191 -22.96 30.31 -6.05
CA MET D 191 -22.10 29.98 -7.20
C MET D 191 -20.64 30.26 -6.85
N PRO D 192 -19.71 29.33 -7.16
CA PRO D 192 -18.29 29.62 -7.03
C PRO D 192 -17.84 30.50 -8.20
N GLY D 193 -16.67 31.13 -8.05
CA GLY D 193 -15.95 31.77 -9.15
C GLY D 193 -15.15 30.73 -9.93
N VAL D 194 -14.20 31.17 -10.74
CA VAL D 194 -13.29 30.22 -11.42
C VAL D 194 -12.53 29.45 -10.33
N HIS D 195 -12.36 28.15 -10.53
CA HIS D 195 -11.55 27.30 -9.64
C HIS D 195 -11.08 26.07 -10.42
N ALA D 196 -10.20 25.29 -9.82
CA ALA D 196 -9.64 24.05 -10.41
C ALA D 196 -10.02 22.85 -9.55
N VAL D 197 -10.08 21.69 -10.19
CA VAL D 197 -10.25 20.38 -9.50
C VAL D 197 -9.12 19.49 -9.98
N ASP D 198 -8.32 19.00 -9.03
CA ASP D 198 -7.33 17.93 -9.24
C ASP D 198 -8.05 16.59 -9.16
N HIS D 199 -7.86 15.77 -10.19
CA HIS D 199 -8.44 14.42 -10.28
C HIS D 199 -7.34 13.38 -10.32
N ARG D 200 -7.50 12.34 -9.54
CA ARG D 200 -6.82 11.05 -9.79
C ARG D 200 -7.91 10.01 -9.91
N LEU D 201 -8.00 9.42 -11.10
CA LEU D 201 -8.80 8.20 -11.32
C LEU D 201 -7.80 7.06 -11.52
N GLU D 202 -7.82 6.06 -10.64
CA GLU D 202 -6.88 4.92 -10.70
C GLU D 202 -7.67 3.61 -10.71
N ARG D 203 -7.22 2.66 -11.52
CA ARG D 203 -7.82 1.31 -11.55
C ARG D 203 -7.17 0.48 -10.45
N ILE D 204 -7.98 -0.12 -9.57
CA ILE D 204 -7.42 -0.95 -8.48
C ILE D 204 -7.68 -2.44 -8.77
N GLU D 205 -8.50 -2.75 -9.76
CA GLU D 205 -8.83 -4.15 -10.11
C GLU D 205 -9.50 -4.23 -11.48
N GLU D 206 -9.22 -5.34 -12.16
CA GLU D 206 -9.86 -5.73 -13.43
C GLU D 206 -9.96 -7.25 -13.45
N SER D 207 -11.00 -7.80 -14.06
CA SER D 207 -11.19 -9.25 -14.15
C SER D 207 -12.02 -9.64 -15.38
N ASP D 208 -11.64 -10.74 -16.02
CA ASP D 208 -12.36 -11.44 -17.10
C ASP D 208 -12.55 -10.49 -18.28
N ASN D 209 -11.43 -10.08 -18.88
CA ASN D 209 -11.40 -9.23 -20.09
C ASN D 209 -12.13 -7.90 -19.80
N GLU D 210 -11.93 -7.35 -18.61
CA GLU D 210 -12.46 -6.01 -18.20
C GLU D 210 -13.99 -6.07 -18.04
N THR D 211 -14.61 -7.23 -17.83
CA THR D 211 -16.08 -7.30 -17.65
C THR D 211 -16.43 -6.93 -16.20
N TYR D 212 -15.43 -6.93 -15.33
CA TYR D 212 -15.51 -6.36 -13.97
C TYR D 212 -14.33 -5.43 -13.73
N VAL D 213 -14.64 -4.20 -13.36
CA VAL D 213 -13.63 -3.13 -13.16
C VAL D 213 -13.96 -2.41 -11.86
N VAL D 214 -12.93 -2.16 -11.07
CA VAL D 214 -13.03 -1.37 -9.82
C VAL D 214 -12.04 -0.21 -9.94
N GLN D 215 -12.54 0.99 -9.73
CA GLN D 215 -11.73 2.21 -9.87
C GLN D 215 -12.00 3.13 -8.69
N ARG D 216 -10.97 3.88 -8.34
CA ARG D 216 -10.97 4.80 -7.19
C ARG D 216 -10.66 6.20 -7.73
N GLU D 217 -11.56 7.16 -7.50
CA GLU D 217 -11.29 8.54 -7.94
C GLU D 217 -11.13 9.44 -6.71
N VAL D 218 -10.01 10.14 -6.63
CA VAL D 218 -9.76 11.20 -5.61
C VAL D 218 -9.86 12.55 -6.32
N ALA D 219 -10.62 13.49 -5.76
CA ALA D 219 -10.88 14.77 -6.42
C ALA D 219 -10.93 15.87 -5.37
N VAL D 220 -10.10 16.90 -5.56
CA VAL D 220 -9.96 18.03 -4.61
C VAL D 220 -10.04 19.36 -5.37
N ALA D 221 -10.99 20.20 -4.98
CA ALA D 221 -11.15 21.58 -5.47
C ALA D 221 -10.09 22.49 -4.84
N LYS D 222 -9.62 23.44 -5.64
CA LYS D 222 -8.52 24.37 -5.30
C LYS D 222 -8.79 25.72 -5.94
N TYR D 223 -8.09 26.74 -5.46
CA TYR D 223 -8.04 28.07 -6.10
C TYR D 223 -7.23 27.99 -7.39
N SER D 224 -7.53 28.87 -8.33
CA SER D 224 -6.71 29.11 -9.54
C SER D 224 -6.38 30.60 -9.63
C1 EDO E . -27.05 -15.30 -1.45
O1 EDO E . -27.49 -16.37 -0.62
C2 EDO E . -28.06 -14.87 -2.46
O2 EDO E . -27.51 -14.63 -3.74
#